data_5H8S
#
_entry.id   5H8S
#
_cell.length_a   47.232
_cell.length_b   114.461
_cell.length_c   162.744
_cell.angle_alpha   90.00
_cell.angle_beta   90.00
_cell.angle_gamma   90.00
#
_symmetry.space_group_name_H-M   'P 2 21 21'
#
loop_
_entity.id
_entity.type
_entity.pdbx_description
1 polymer 'Glutamate receptor 2,Glutamate receptor 2'
2 non-polymer 'GLUTAMIC ACID'
3 non-polymer 7-[[ethyl(phenyl)amino]methyl]-2-methyl-[1,3,4]thiadiazolo[3,2-a]pyrimidin-5-one
4 non-polymer 'ZINC ION'
5 non-polymer 'CACODYLATE ION'
6 water water
#
_entity_poly.entity_id   1
_entity_poly.type   'polypeptide(L)'
_entity_poly.pdbx_seq_one_letter_code
;GSNKTVVVTTILESPYVMMKKNHEMLEGNERYEGYCVDLAAEIAKHCGFKYKLTIVGDGKYGARDADTKIWNGMVGELVY
GKADIAIAPLTITLVREEVIDFSKPFMSLGISIMIKKGTPIESAEDLSKQTEIAYGTLDSGSTKEFFRRSKIAVFDKMWT
YMRSAEPSVFVRTTAEGVARVRKSKGKYAYLLESTMNEYIEQRKPCDTMKVGGNLDSKGYGIATPKGSSLGNAVNLAVLK
LSEQGLLDKLKNKWWYDKGECGS
;
_entity_poly.pdbx_strand_id   A,C,B
#
loop_
_chem_comp.id
_chem_comp.type
_chem_comp.name
_chem_comp.formula
5YC non-polymer 7-[[ethyl(phenyl)amino]methyl]-2-methyl-[1,3,4]thiadiazolo[3,2-a]pyrimidin-5-one 'C15 H16 N4 O S'
CAC non-polymer 'CACODYLATE ION' 'C2 H6 As O2 -1'
ZN non-polymer 'ZINC ION' 'Zn 2'
#
# COMPACT_ATOMS: atom_id res chain seq x y z
N ASN A 3 18.63 9.01 -14.44
CA ASN A 3 17.58 8.79 -13.45
C ASN A 3 16.90 10.10 -13.05
N LYS A 4 15.62 10.21 -13.37
CA LYS A 4 14.91 11.46 -13.18
C LYS A 4 13.82 11.37 -12.13
N THR A 5 13.51 12.52 -11.53
CA THR A 5 12.41 12.60 -10.58
C THR A 5 11.09 12.40 -11.32
N VAL A 6 10.27 11.49 -10.81
CA VAL A 6 8.98 11.20 -11.42
C VAL A 6 7.96 12.28 -11.05
N VAL A 7 7.31 12.86 -12.05
CA VAL A 7 6.28 13.86 -11.78
C VAL A 7 4.94 13.15 -11.57
N VAL A 8 4.41 13.29 -10.36
CA VAL A 8 3.13 12.67 -10.01
C VAL A 8 2.03 13.70 -10.10
N THR A 9 1.00 13.42 -10.88
CA THR A 9 -0.17 14.30 -10.86
C THR A 9 -1.21 13.72 -9.91
N THR A 10 -1.82 14.58 -9.10
CA THR A 10 -2.87 14.14 -8.21
C THR A 10 -3.85 15.29 -8.02
N ILE A 11 -4.81 15.13 -7.11
CA ILE A 11 -5.91 16.08 -7.03
C ILE A 11 -6.25 16.31 -5.56
N LEU A 12 -6.60 17.56 -5.21
CA LEU A 12 -6.99 17.84 -3.84
C LEU A 12 -8.40 17.31 -3.63
N GLU A 13 -8.50 16.16 -2.99
CA GLU A 13 -9.75 15.47 -2.77
C GLU A 13 -9.62 14.74 -1.44
N SER A 14 -10.41 15.13 -0.44
CA SER A 14 -10.28 14.50 0.89
C SER A 14 -10.87 13.10 0.88
N PRO A 15 -10.21 12.15 1.58
CA PRO A 15 -8.97 12.27 2.34
C PRO A 15 -7.76 11.78 1.57
N TYR A 16 -7.84 11.81 0.24
CA TYR A 16 -6.78 11.28 -0.60
C TYR A 16 -5.55 12.18 -0.61
N VAL A 17 -5.77 13.46 -0.86
CA VAL A 17 -4.71 14.45 -0.81
C VAL A 17 -5.29 15.73 -0.22
N MET A 18 -4.66 16.22 0.84
CA MET A 18 -5.12 17.42 1.53
C MET A 18 -3.92 18.27 1.89
N MET A 19 -4.14 19.57 2.03
CA MET A 19 -3.06 20.45 2.49
C MET A 19 -2.89 20.25 3.98
N LYS A 20 -1.65 20.05 4.44
CA LYS A 20 -1.39 20.03 5.87
C LYS A 20 -1.66 21.40 6.44
N LYS A 21 -2.13 21.46 7.69
CA LYS A 21 -2.40 22.72 8.37
C LYS A 21 -1.24 23.72 8.27
N ASN A 22 -0.02 23.23 8.40
CA ASN A 22 1.15 24.10 8.37
C ASN A 22 1.91 24.04 7.05
N HIS A 23 1.20 23.74 5.96
CA HIS A 23 1.84 23.50 4.67
C HIS A 23 2.72 24.68 4.23
N GLU A 24 2.31 25.88 4.60
CA GLU A 24 3.00 27.11 4.23
C GLU A 24 4.47 27.14 4.69
N MET A 25 4.75 26.43 5.79
CA MET A 25 6.09 26.39 6.34
C MET A 25 6.82 25.12 5.96
N LEU A 26 6.21 24.34 5.06
CA LEU A 26 6.78 23.07 4.62
C LEU A 26 7.18 23.16 3.15
N GLU A 27 7.97 22.21 2.66
CA GLU A 27 8.41 22.23 1.28
C GLU A 27 8.10 20.93 0.53
N GLY A 28 7.90 21.04 -0.77
CA GLY A 28 7.75 19.90 -1.64
C GLY A 28 6.62 18.97 -1.22
N ASN A 29 6.91 17.67 -1.25
CA ASN A 29 5.94 16.64 -0.92
C ASN A 29 5.43 16.72 0.51
N GLU A 30 6.19 17.37 1.38
CA GLU A 30 5.81 17.46 2.79
C GLU A 30 4.61 18.37 3.02
N ARG A 31 4.20 19.13 2.01
CA ARG A 31 3.05 20.02 2.14
C ARG A 31 1.73 19.27 2.22
N TYR A 32 1.72 18.02 1.77
CA TYR A 32 0.46 17.30 1.60
C TYR A 32 0.34 16.11 2.54
N GLU A 33 -0.89 15.72 2.83
CA GLU A 33 -1.14 14.48 3.56
C GLU A 33 -2.38 13.78 3.02
N GLY A 34 -2.49 12.49 3.31
CA GLY A 34 -3.67 11.73 2.94
C GLY A 34 -3.35 10.35 2.41
N TYR A 35 -4.41 9.61 2.10
CA TYR A 35 -4.30 8.26 1.59
C TYR A 35 -3.36 8.15 0.38
N CYS A 36 -3.56 9.00 -0.62
CA CYS A 36 -2.75 8.91 -1.82
C CYS A 36 -1.32 9.45 -1.60
N VAL A 37 -1.13 10.32 -0.61
CA VAL A 37 0.21 10.78 -0.27
C VAL A 37 0.98 9.60 0.34
N ASP A 38 0.30 8.86 1.23
CA ASP A 38 0.91 7.66 1.81
C ASP A 38 1.18 6.60 0.75
N LEU A 39 0.19 6.39 -0.12
CA LEU A 39 0.34 5.39 -1.16
C LEU A 39 1.48 5.74 -2.12
N ALA A 40 1.60 7.01 -2.48
CA ALA A 40 2.66 7.46 -3.40
C ALA A 40 4.04 7.17 -2.82
N ALA A 41 4.22 7.44 -1.52
CA ALA A 41 5.49 7.16 -0.89
C ALA A 41 5.83 5.67 -0.97
N GLU A 42 4.83 4.82 -0.77
CA GLU A 42 5.06 3.38 -0.80
C GLU A 42 5.33 2.88 -2.22
N ILE A 43 4.54 3.33 -3.19
CA ILE A 43 4.79 2.93 -4.57
CA ILE A 43 4.80 2.94 -4.57
C ILE A 43 6.20 3.32 -4.98
N ALA A 44 6.58 4.55 -4.68
CA ALA A 44 7.91 5.04 -5.05
C ALA A 44 9.03 4.24 -4.37
N LYS A 45 8.84 3.91 -3.10
CA LYS A 45 9.80 3.10 -2.34
C LYS A 45 10.01 1.72 -2.97
N HIS A 46 8.91 1.08 -3.30
CA HIS A 46 8.96 -0.28 -3.80
C HIS A 46 9.45 -0.34 -5.24
N CYS A 47 9.22 0.73 -6.00
CA CYS A 47 9.68 0.77 -7.38
C CYS A 47 11.03 1.44 -7.51
N GLY A 48 11.50 2.04 -6.42
CA GLY A 48 12.80 2.67 -6.39
C GLY A 48 12.93 3.93 -7.23
N PHE A 49 11.97 4.84 -7.14
CA PHE A 49 12.12 6.12 -7.81
C PHE A 49 11.87 7.31 -6.89
N LYS A 50 12.46 8.44 -7.23
CA LYS A 50 12.18 9.69 -6.55
C LYS A 50 11.04 10.39 -7.29
N TYR A 51 10.25 11.16 -6.56
CA TYR A 51 9.04 11.73 -7.15
C TYR A 51 8.72 13.11 -6.60
N LYS A 52 7.88 13.81 -7.36
CA LYS A 52 7.39 15.14 -7.02
C LYS A 52 5.87 15.16 -7.13
N LEU A 53 5.18 15.35 -6.02
CA LEU A 53 3.72 15.51 -6.06
C LEU A 53 3.35 16.87 -6.65
N THR A 54 2.43 16.85 -7.61
CA THR A 54 1.94 18.09 -8.21
C THR A 54 0.42 18.00 -8.30
N ILE A 55 -0.26 19.09 -7.98
CA ILE A 55 -1.71 19.12 -8.05
C ILE A 55 -2.16 19.54 -9.45
N VAL A 56 -3.04 18.75 -10.04
CA VAL A 56 -3.50 18.98 -11.40
C VAL A 56 -4.06 20.41 -11.56
N GLY A 57 -3.61 21.08 -12.62
CA GLY A 57 -3.86 22.51 -12.79
C GLY A 57 -5.31 22.92 -12.89
N ASP A 58 -6.13 22.14 -13.59
CA ASP A 58 -7.52 22.52 -13.77
C ASP A 58 -8.44 21.89 -12.73
N GLY A 59 -7.85 21.16 -11.77
CA GLY A 59 -8.61 20.57 -10.67
C GLY A 59 -9.59 19.49 -11.08
N LYS A 60 -9.36 18.89 -12.25
CA LYS A 60 -10.27 17.90 -12.82
C LYS A 60 -9.71 16.47 -12.90
N TYR A 61 -10.59 15.48 -12.97
CA TYR A 61 -10.14 14.09 -13.07
C TYR A 61 -9.73 13.73 -14.48
N GLY A 62 -10.60 13.98 -15.46
CA GLY A 62 -10.24 13.72 -16.83
C GLY A 62 -11.41 13.34 -17.71
N ALA A 63 -11.65 14.16 -18.71
CA ALA A 63 -12.69 13.88 -19.69
C ALA A 63 -12.23 14.42 -21.02
N ARG A 64 -12.73 13.83 -22.09
CA ARG A 64 -12.38 14.29 -23.42
C ARG A 64 -13.48 15.24 -23.91
N ASP A 65 -13.10 16.47 -24.22
CA ASP A 65 -14.03 17.44 -24.77
C ASP A 65 -14.60 16.95 -26.11
N ALA A 66 -15.91 17.02 -26.27
CA ALA A 66 -16.51 16.70 -27.56
C ALA A 66 -16.38 17.90 -28.49
N ASP A 67 -15.89 17.63 -29.71
CA ASP A 67 -15.66 18.62 -30.78
C ASP A 67 -14.32 19.37 -30.63
N THR A 68 -13.68 19.24 -29.48
CA THR A 68 -12.32 19.75 -29.30
C THR A 68 -11.39 18.55 -29.16
N LYS A 69 -11.91 17.50 -28.52
CA LYS A 69 -11.26 16.19 -28.41
C LYS A 69 -9.99 16.23 -27.55
N ILE A 70 -9.80 17.33 -26.84
CA ILE A 70 -8.70 17.44 -25.90
C ILE A 70 -9.09 16.89 -24.53
N TRP A 71 -8.20 16.10 -23.95
CA TRP A 71 -8.38 15.58 -22.59
C TRP A 71 -8.01 16.62 -21.55
N ASN A 72 -8.86 16.79 -20.53
CA ASN A 72 -8.51 17.69 -19.44
C ASN A 72 -8.13 16.86 -18.21
N GLY A 73 -7.95 17.54 -17.08
CA GLY A 73 -7.66 16.86 -15.82
C GLY A 73 -6.37 16.06 -15.75
N MET A 74 -6.31 15.14 -14.79
CA MET A 74 -5.13 14.28 -14.63
C MET A 74 -4.87 13.42 -15.86
N VAL A 75 -5.95 12.95 -16.50
CA VAL A 75 -5.79 12.15 -17.71
C VAL A 75 -5.06 12.96 -18.78
N GLY A 76 -5.48 14.22 -18.96
CA GLY A 76 -4.78 15.12 -19.86
C GLY A 76 -3.32 15.29 -19.52
N GLU A 77 -2.99 15.47 -18.24
CA GLU A 77 -1.59 15.65 -17.86
C GLU A 77 -0.74 14.44 -18.30
N LEU A 78 -1.31 13.24 -18.21
CA LEU A 78 -0.62 12.04 -18.68
C LEU A 78 -0.55 11.98 -20.22
N VAL A 79 -1.68 12.23 -20.86
CA VAL A 79 -1.78 12.08 -22.32
C VAL A 79 -0.85 13.07 -23.03
N TYR A 80 -0.69 14.29 -22.48
CA TYR A 80 0.08 15.31 -23.18
C TYR A 80 1.51 15.48 -22.63
N GLY A 81 1.91 14.57 -21.76
CA GLY A 81 3.31 14.47 -21.35
C GLY A 81 3.76 15.36 -20.21
N LYS A 82 2.81 15.93 -19.47
CA LYS A 82 3.13 16.85 -18.40
C LYS A 82 3.41 16.12 -17.08
N ALA A 83 2.90 14.91 -16.95
CA ALA A 83 3.17 14.08 -15.77
C ALA A 83 3.53 12.66 -16.15
N ASP A 84 4.26 11.99 -15.27
CA ASP A 84 4.73 10.62 -15.52
C ASP A 84 3.79 9.57 -14.95
N ILE A 85 2.99 9.97 -13.98
CA ILE A 85 2.13 9.01 -13.26
C ILE A 85 1.05 9.78 -12.51
N ALA A 86 -0.12 9.17 -12.42
CA ALA A 86 -1.22 9.72 -11.63
C ALA A 86 -1.51 8.79 -10.44
N ILE A 87 -1.45 9.35 -9.23
CA ILE A 87 -1.74 8.60 -8.01
C ILE A 87 -2.84 9.38 -7.29
N ALA A 88 -4.07 8.92 -7.47
CA ALA A 88 -5.27 9.67 -7.16
C ALA A 88 -6.48 8.75 -7.18
N PRO A 89 -7.63 9.21 -6.65
CA PRO A 89 -8.86 8.41 -6.77
C PRO A 89 -9.38 8.51 -8.20
N LEU A 90 -8.61 7.95 -9.12
CA LEU A 90 -8.88 8.02 -10.55
C LEU A 90 -9.50 6.71 -11.03
N THR A 91 -10.74 6.79 -11.52
CA THR A 91 -11.51 5.58 -11.82
C THR A 91 -11.06 4.93 -13.12
N ILE A 92 -10.90 3.61 -13.07
CA ILE A 92 -10.57 2.81 -14.25
C ILE A 92 -11.81 2.73 -15.12
N THR A 93 -11.73 3.27 -16.33
CA THR A 93 -12.86 3.22 -17.27
C THR A 93 -12.34 2.82 -18.64
N LEU A 94 -13.23 2.28 -19.46
CA LEU A 94 -12.84 1.85 -20.80
C LEU A 94 -12.27 2.99 -21.64
N VAL A 95 -12.93 4.15 -21.68
CA VAL A 95 -12.41 5.22 -22.54
C VAL A 95 -11.05 5.75 -22.07
N ARG A 96 -10.79 5.69 -20.77
CA ARG A 96 -9.46 6.07 -20.27
C ARG A 96 -8.42 5.00 -20.58
N GLU A 97 -8.77 3.72 -20.40
CA GLU A 97 -7.79 2.63 -20.60
C GLU A 97 -7.39 2.57 -22.07
N GLU A 98 -8.19 3.17 -22.94
CA GLU A 98 -7.85 3.25 -24.36
C GLU A 98 -6.71 4.24 -24.61
N VAL A 99 -6.54 5.23 -23.73
CA VAL A 99 -5.48 6.24 -23.94
C VAL A 99 -4.38 6.29 -22.89
N ILE A 100 -4.61 5.69 -21.71
CA ILE A 100 -3.55 5.59 -20.70
C ILE A 100 -3.55 4.17 -20.12
N ASP A 101 -2.52 3.83 -19.36
CA ASP A 101 -2.45 2.52 -18.72
C ASP A 101 -2.88 2.64 -17.26
N PHE A 102 -3.56 1.63 -16.75
CA PHE A 102 -3.91 1.55 -15.33
C PHE A 102 -3.30 0.31 -14.68
N SER A 103 -2.83 0.48 -13.45
CA SER A 103 -2.50 -0.66 -12.61
C SER A 103 -3.76 -1.44 -12.26
N LYS A 104 -3.59 -2.64 -11.71
CA LYS A 104 -4.69 -3.30 -11.05
C LYS A 104 -5.24 -2.36 -9.97
N PRO A 105 -6.51 -2.50 -9.63
CA PRO A 105 -7.11 -1.51 -8.74
C PRO A 105 -6.54 -1.53 -7.31
N PHE A 106 -6.40 -0.35 -6.68
CA PHE A 106 -5.92 -0.30 -5.30
C PHE A 106 -7.07 -0.05 -4.32
N MET A 107 -8.25 0.30 -4.84
CA MET A 107 -9.42 0.54 -4.00
C MET A 107 -10.69 0.32 -4.81
N SER A 108 -11.68 -0.36 -4.23
CA SER A 108 -12.94 -0.59 -4.93
C SER A 108 -13.93 0.51 -4.59
N LEU A 109 -14.87 0.76 -5.49
CA LEU A 109 -15.94 1.73 -5.26
C LEU A 109 -17.09 1.49 -6.20
N GLY A 110 -18.22 2.13 -5.91
CA GLY A 110 -19.33 2.17 -6.84
C GLY A 110 -20.03 3.51 -6.68
N ILE A 111 -20.71 3.96 -7.72
CA ILE A 111 -21.54 5.16 -7.59
C ILE A 111 -22.60 4.92 -6.52
N SER A 112 -22.90 5.95 -5.76
CA SER A 112 -23.78 5.82 -4.59
C SER A 112 -24.52 7.12 -4.37
N ILE A 113 -25.51 7.09 -3.47
CA ILE A 113 -26.34 8.26 -3.20
C ILE A 113 -26.02 8.86 -1.84
N MET A 114 -25.72 10.16 -1.81
CA MET A 114 -25.59 10.89 -0.56
C MET A 114 -26.84 11.73 -0.33
N ILE A 115 -27.48 11.55 0.83
CA ILE A 115 -28.57 12.40 1.23
C ILE A 115 -28.27 13.13 2.55
N LYS A 116 -28.97 14.24 2.77
CA LYS A 116 -29.04 14.82 4.10
C LYS A 116 -29.89 13.87 4.92
N LYS A 117 -29.52 13.62 6.16
CA LYS A 117 -30.25 12.65 6.99
C LYS A 117 -31.72 13.03 7.06
N GLY A 118 -32.57 12.03 6.87
CA GLY A 118 -34.01 12.21 6.94
C GLY A 118 -34.67 12.39 5.60
N THR A 119 -33.85 12.54 4.56
CA THR A 119 -34.36 12.67 3.21
C THR A 119 -35.12 11.42 2.81
N PRO A 120 -36.36 11.59 2.32
CA PRO A 120 -37.21 10.46 1.94
C PRO A 120 -36.75 9.73 0.67
N ILE A 121 -35.52 9.22 0.65
CA ILE A 121 -34.95 8.54 -0.51
C ILE A 121 -34.17 7.30 -0.07
N GLU A 122 -34.40 6.16 -0.71
CA GLU A 122 -33.69 4.94 -0.33
C GLU A 122 -32.95 4.28 -1.49
N SER A 123 -33.16 4.77 -2.70
CA SER A 123 -32.63 4.11 -3.89
C SER A 123 -32.58 5.06 -5.08
N ALA A 124 -31.88 4.63 -6.12
CA ALA A 124 -31.88 5.38 -7.39
C ALA A 124 -33.27 5.34 -8.01
N GLU A 125 -33.96 4.22 -7.86
CA GLU A 125 -35.33 4.11 -8.34
C GLU A 125 -36.19 5.21 -7.72
N ASP A 126 -36.05 5.38 -6.40
CA ASP A 126 -36.74 6.45 -5.68
C ASP A 126 -36.47 7.84 -6.27
N LEU A 127 -35.20 8.18 -6.47
CA LEU A 127 -34.85 9.46 -7.08
C LEU A 127 -35.52 9.64 -8.44
N SER A 128 -35.48 8.58 -9.24
CA SER A 128 -35.98 8.62 -10.61
C SER A 128 -37.51 8.77 -10.69
N LYS A 129 -38.21 8.37 -9.64
CA LYS A 129 -39.67 8.35 -9.65
C LYS A 129 -40.31 9.59 -9.03
N GLN A 130 -39.49 10.57 -8.65
CA GLN A 130 -40.01 11.76 -7.99
C GLN A 130 -39.34 13.02 -8.54
N THR A 131 -39.81 14.18 -8.10
CA THR A 131 -39.31 15.43 -8.65
C THR A 131 -39.01 16.51 -7.61
N GLU A 132 -39.48 16.31 -6.37
CA GLU A 132 -39.27 17.29 -5.32
C GLU A 132 -37.79 17.44 -4.97
N ILE A 133 -37.06 16.32 -4.99
CA ILE A 133 -35.65 16.31 -4.60
C ILE A 133 -34.76 16.33 -5.83
N ALA A 134 -33.93 17.36 -5.96
CA ALA A 134 -33.02 17.46 -7.10
C ALA A 134 -31.81 16.58 -6.85
N TYR A 135 -31.10 16.23 -7.91
CA TYR A 135 -29.89 15.42 -7.74
C TYR A 135 -28.94 15.59 -8.92
N GLY A 136 -27.64 15.45 -8.67
CA GLY A 136 -26.65 15.66 -9.70
C GLY A 136 -25.34 14.96 -9.36
N THR A 137 -24.34 15.24 -10.18
CA THR A 137 -23.02 14.60 -10.06
C THR A 137 -21.90 15.62 -10.18
N LEU A 138 -20.68 15.15 -9.99
CA LEU A 138 -19.49 15.91 -10.30
C LEU A 138 -19.38 16.10 -11.81
N ASP A 139 -18.83 17.24 -12.22
CA ASP A 139 -18.50 17.42 -13.63
C ASP A 139 -17.16 16.78 -14.00
N SER A 140 -17.00 16.48 -15.28
CA SER A 140 -15.73 16.01 -15.84
C SER A 140 -15.21 14.76 -15.17
N GLY A 141 -16.12 13.91 -14.69
CA GLY A 141 -15.70 12.68 -14.05
C GLY A 141 -16.40 11.43 -14.56
N SER A 142 -16.06 10.29 -13.96
CA SER A 142 -16.61 9.03 -14.43
C SER A 142 -18.06 8.82 -14.02
N THR A 143 -18.51 9.48 -12.94
CA THR A 143 -19.90 9.36 -12.55
C THR A 143 -20.82 10.02 -13.58
N LYS A 144 -20.46 11.22 -14.03
CA LYS A 144 -21.28 11.89 -15.05
C LYS A 144 -21.36 11.04 -16.31
N GLU A 145 -20.22 10.49 -16.72
CA GLU A 145 -20.17 9.65 -17.90
C GLU A 145 -20.99 8.37 -17.75
N PHE A 146 -21.01 7.80 -16.55
CA PHE A 146 -21.85 6.63 -16.30
C PHE A 146 -23.31 6.91 -16.68
N PHE A 147 -23.83 8.04 -16.23
CA PHE A 147 -25.24 8.34 -16.47
C PHE A 147 -25.45 8.71 -17.92
N ARG A 148 -24.50 9.44 -18.50
CA ARG A 148 -24.60 9.81 -19.91
C ARG A 148 -24.70 8.58 -20.82
N ARG A 149 -23.95 7.53 -20.48
CA ARG A 149 -23.87 6.34 -21.33
C ARG A 149 -24.83 5.20 -20.99
N SER A 150 -25.47 5.24 -19.83
CA SER A 150 -26.24 4.10 -19.34
C SER A 150 -27.46 3.77 -20.19
N LYS A 151 -27.72 2.47 -20.35
CA LYS A 151 -28.85 1.99 -21.13
C LYS A 151 -29.90 1.36 -20.22
N ILE A 152 -29.57 1.33 -18.94
CA ILE A 152 -30.51 0.86 -17.92
C ILE A 152 -31.56 1.93 -17.63
N ALA A 153 -32.83 1.52 -17.61
CA ALA A 153 -33.96 2.45 -17.65
C ALA A 153 -33.94 3.48 -16.52
N VAL A 154 -33.72 3.02 -15.30
CA VAL A 154 -33.69 3.93 -14.16
C VAL A 154 -32.58 4.97 -14.33
N PHE A 155 -31.41 4.54 -14.79
CA PHE A 155 -30.29 5.46 -14.90
C PHE A 155 -30.46 6.39 -16.11
N ASP A 156 -31.01 5.87 -17.20
CA ASP A 156 -31.32 6.72 -18.35
C ASP A 156 -32.32 7.81 -17.98
N LYS A 157 -33.30 7.46 -17.15
CA LYS A 157 -34.29 8.42 -16.69
C LYS A 157 -33.64 9.52 -15.84
N MET A 158 -32.71 9.13 -14.98
CA MET A 158 -31.99 10.09 -14.14
C MET A 158 -31.14 11.03 -15.00
N TRP A 159 -30.53 10.48 -16.04
CA TRP A 159 -29.69 11.30 -16.92
C TRP A 159 -30.54 12.30 -17.69
N THR A 160 -31.68 11.83 -18.17
CA THR A 160 -32.59 12.70 -18.93
C THR A 160 -32.99 13.88 -18.07
N TYR A 161 -33.26 13.61 -16.79
CA TYR A 161 -33.54 14.69 -15.87
C TYR A 161 -32.31 15.58 -15.64
N MET A 162 -31.17 15.00 -15.26
CA MET A 162 -30.03 15.81 -14.85
C MET A 162 -29.47 16.70 -15.96
N ARG A 163 -29.45 16.21 -17.19
CA ARG A 163 -28.81 16.96 -18.26
C ARG A 163 -29.62 18.19 -18.64
N SER A 164 -30.90 18.20 -18.26
CA SER A 164 -31.79 19.28 -18.64
C SER A 164 -32.24 20.13 -17.44
N ALA A 165 -31.83 19.73 -16.24
CA ALA A 165 -32.29 20.44 -15.06
C ALA A 165 -31.67 21.83 -14.99
N GLU A 166 -32.50 22.79 -14.57
CA GLU A 166 -32.07 24.18 -14.40
C GLU A 166 -32.58 24.75 -13.09
N PRO A 167 -31.70 25.38 -12.32
CA PRO A 167 -30.27 25.56 -12.59
C PRO A 167 -29.51 24.24 -12.54
N SER A 168 -28.28 24.24 -13.05
CA SER A 168 -27.47 23.04 -13.17
C SER A 168 -27.42 22.27 -11.87
N VAL A 169 -27.52 20.95 -11.97
CA VAL A 169 -27.40 20.12 -10.78
C VAL A 169 -26.00 19.55 -10.68
N PHE A 170 -25.13 19.96 -11.59
CA PHE A 170 -23.75 19.47 -11.59
C PHE A 170 -22.86 20.42 -10.80
N VAL A 171 -21.82 19.87 -10.18
CA VAL A 171 -20.93 20.68 -9.36
C VAL A 171 -19.49 20.54 -9.83
N ARG A 172 -18.64 21.50 -9.45
CA ARG A 172 -17.25 21.54 -9.90
C ARG A 172 -16.33 20.67 -9.07
N THR A 173 -16.67 20.51 -7.79
CA THR A 173 -15.88 19.72 -6.86
C THR A 173 -16.78 18.92 -5.94
N THR A 174 -16.26 17.81 -5.42
CA THR A 174 -16.98 17.03 -4.42
C THR A 174 -17.43 17.90 -3.26
N ALA A 175 -16.53 18.74 -2.77
CA ALA A 175 -16.85 19.66 -1.68
C ALA A 175 -18.08 20.51 -1.99
N GLU A 176 -18.22 20.96 -3.23
CA GLU A 176 -19.40 21.74 -3.61
C GLU A 176 -20.68 20.90 -3.52
N GLY A 177 -20.61 19.64 -3.95
CA GLY A 177 -21.78 18.78 -3.92
C GLY A 177 -22.22 18.53 -2.49
N VAL A 178 -21.24 18.32 -1.61
CA VAL A 178 -21.55 18.03 -0.21
C VAL A 178 -22.18 19.25 0.47
N ALA A 179 -21.62 20.43 0.19
CA ALA A 179 -22.18 21.67 0.72
C ALA A 179 -23.62 21.86 0.26
N ARG A 180 -23.88 21.52 -1.00
CA ARG A 180 -25.21 21.67 -1.56
C ARG A 180 -26.19 20.73 -0.88
N VAL A 181 -25.76 19.50 -0.62
CA VAL A 181 -26.59 18.59 0.15
C VAL A 181 -26.88 19.20 1.52
N ARG A 182 -25.85 19.66 2.20
CA ARG A 182 -26.01 20.10 3.59
C ARG A 182 -26.86 21.36 3.70
N LYS A 183 -26.80 22.21 2.68
CA LYS A 183 -27.51 23.49 2.70
C LYS A 183 -28.92 23.44 2.11
N SER A 184 -29.32 22.31 1.51
CA SER A 184 -30.57 22.30 0.75
C SER A 184 -31.76 21.69 1.51
N LYS A 185 -31.58 21.45 2.81
CA LYS A 185 -32.67 20.98 3.68
C LYS A 185 -33.35 19.71 3.16
N GLY A 186 -32.58 18.86 2.50
CA GLY A 186 -33.08 17.59 2.03
C GLY A 186 -33.60 17.63 0.60
N LYS A 187 -33.49 18.79 -0.04
CA LYS A 187 -34.03 18.94 -1.40
C LYS A 187 -32.98 18.72 -2.49
N TYR A 188 -31.78 18.32 -2.09
CA TYR A 188 -30.75 17.94 -3.06
C TYR A 188 -30.04 16.69 -2.60
N ALA A 189 -29.96 15.69 -3.47
CA ALA A 189 -29.16 14.50 -3.21
C ALA A 189 -27.98 14.45 -4.17
N TYR A 190 -26.85 13.92 -3.72
CA TYR A 190 -25.64 13.96 -4.54
C TYR A 190 -25.16 12.56 -4.90
N LEU A 191 -24.89 12.36 -6.20
CA LEU A 191 -24.42 11.08 -6.70
C LEU A 191 -22.91 11.12 -6.77
N LEU A 192 -22.25 10.26 -6.01
CA LEU A 192 -20.79 10.28 -5.92
C LEU A 192 -20.29 8.91 -5.53
N GLU A 193 -18.99 8.72 -5.63
CA GLU A 193 -18.42 7.41 -5.40
C GLU A 193 -18.51 7.06 -3.91
N SER A 194 -18.79 5.78 -3.66
CA SER A 194 -19.04 5.26 -2.31
C SER A 194 -17.93 5.59 -1.34
N THR A 195 -16.68 5.57 -1.84
CA THR A 195 -15.51 5.92 -1.05
C THR A 195 -15.61 7.32 -0.46
N MET A 196 -15.93 8.28 -1.32
CA MET A 196 -16.05 9.67 -0.87
CA MET A 196 -16.02 9.66 -0.86
C MET A 196 -17.27 9.84 0.02
N ASN A 197 -18.34 9.14 -0.33
CA ASN A 197 -19.60 9.19 0.43
C ASN A 197 -19.36 8.68 1.85
N GLU A 198 -18.72 7.51 1.94
CA GLU A 198 -18.40 6.90 3.23
C GLU A 198 -17.48 7.79 4.08
N TYR A 199 -16.57 8.51 3.45
CA TYR A 199 -15.66 9.38 4.18
C TYR A 199 -16.45 10.54 4.79
N ILE A 200 -17.30 11.16 3.99
CA ILE A 200 -18.04 12.35 4.43
C ILE A 200 -19.02 11.99 5.56
N GLU A 201 -19.54 10.78 5.47
CA GLU A 201 -20.43 10.22 6.49
C GLU A 201 -19.77 10.17 7.87
N GLN A 202 -18.44 10.13 7.90
CA GLN A 202 -17.65 10.05 9.13
CA GLN A 202 -17.73 10.07 9.18
C GLN A 202 -17.16 11.42 9.61
N ARG A 203 -17.62 12.49 8.97
CA ARG A 203 -17.10 13.82 9.29
C ARG A 203 -18.20 14.70 9.87
N LYS A 204 -17.84 15.54 10.84
CA LYS A 204 -18.75 16.57 11.33
C LYS A 204 -19.15 17.44 10.15
N PRO A 205 -20.41 17.93 10.16
CA PRO A 205 -21.40 17.79 11.24
C PRO A 205 -22.25 16.51 11.27
N CYS A 206 -21.80 15.44 10.61
CA CYS A 206 -22.50 14.16 10.69
C CYS A 206 -23.97 14.22 10.27
N ASP A 207 -24.25 15.01 9.24
CA ASP A 207 -25.62 15.22 8.80
C ASP A 207 -25.92 14.60 7.44
N THR A 208 -24.96 13.87 6.89
CA THR A 208 -25.20 13.17 5.63
C THR A 208 -25.05 11.66 5.81
N MET A 209 -25.57 10.91 4.85
CA MET A 209 -25.39 9.47 4.86
C MET A 209 -25.54 8.87 3.47
N LYS A 210 -24.88 7.73 3.29
CA LYS A 210 -25.03 6.91 2.10
C LYS A 210 -26.30 6.08 2.23
N VAL A 211 -27.13 6.08 1.20
CA VAL A 211 -28.34 5.23 1.22
C VAL A 211 -28.42 4.36 -0.02
N GLY A 212 -28.95 3.15 0.16
CA GLY A 212 -29.11 2.22 -0.93
C GLY A 212 -27.81 1.52 -1.26
N GLY A 213 -27.88 0.61 -2.22
CA GLY A 213 -26.70 -0.11 -2.66
C GLY A 213 -25.97 0.76 -3.67
N ASN A 214 -24.78 0.32 -4.06
CA ASN A 214 -24.05 1.00 -5.13
C ASN A 214 -24.66 0.69 -6.48
N LEU A 215 -24.51 1.64 -7.40
CA LEU A 215 -25.13 1.54 -8.71
C LEU A 215 -24.25 0.75 -9.66
N ASP A 216 -22.95 0.70 -9.36
CA ASP A 216 -22.04 -0.09 -10.17
C ASP A 216 -20.86 -0.56 -9.31
N SER A 217 -19.90 -1.21 -9.95
CA SER A 217 -18.76 -1.79 -9.24
CA SER A 217 -18.76 -1.78 -9.24
C SER A 217 -17.50 -1.67 -10.07
N LYS A 218 -16.53 -0.93 -9.54
CA LYS A 218 -15.31 -0.69 -10.28
C LYS A 218 -14.20 -0.33 -9.31
N GLY A 219 -13.17 0.34 -9.79
CA GLY A 219 -12.03 0.61 -8.92
C GLY A 219 -11.19 1.79 -9.38
N TYR A 220 -10.36 2.29 -8.47
CA TYR A 220 -9.30 3.25 -8.79
C TYR A 220 -8.03 2.51 -9.16
N GLY A 221 -7.31 3.04 -10.14
CA GLY A 221 -6.01 2.48 -10.50
C GLY A 221 -4.96 3.57 -10.57
N ILE A 222 -3.70 3.18 -10.45
CA ILE A 222 -2.60 4.12 -10.68
C ILE A 222 -2.35 4.18 -12.17
N ALA A 223 -2.33 5.39 -12.72
CA ALA A 223 -2.29 5.52 -14.17
C ALA A 223 -0.94 6.04 -14.64
N THR A 224 -0.52 5.56 -15.80
CA THR A 224 0.71 5.99 -16.45
C THR A 224 0.42 6.24 -17.93
N PRO A 225 1.28 7.02 -18.61
CA PRO A 225 1.08 7.21 -20.06
C PRO A 225 1.24 5.88 -20.79
N LYS A 226 0.52 5.71 -21.89
CA LYS A 226 0.47 4.41 -22.55
C LYS A 226 1.89 3.95 -22.93
N GLY A 227 2.18 2.70 -22.62
CA GLY A 227 3.47 2.12 -22.94
C GLY A 227 4.61 2.62 -22.07
N SER A 228 4.30 3.29 -20.96
CA SER A 228 5.34 3.74 -20.05
C SER A 228 6.03 2.54 -19.39
N SER A 229 7.34 2.66 -19.22
CA SER A 229 8.15 1.60 -18.61
C SER A 229 7.88 1.48 -17.12
N LEU A 230 7.31 2.53 -16.53
CA LEU A 230 6.95 2.54 -15.11
C LEU A 230 5.80 1.59 -14.80
N GLY A 231 4.96 1.35 -15.80
CA GLY A 231 3.73 0.61 -15.63
C GLY A 231 3.86 -0.76 -14.99
N ASN A 232 4.82 -1.56 -15.47
CA ASN A 232 4.95 -2.91 -14.95
C ASN A 232 5.27 -2.93 -13.45
N ALA A 233 6.28 -2.17 -13.05
CA ALA A 233 6.70 -2.17 -11.66
C ALA A 233 5.61 -1.62 -10.75
N VAL A 234 4.93 -0.57 -11.21
CA VAL A 234 3.86 0.02 -10.41
C VAL A 234 2.73 -0.99 -10.22
N ASN A 235 2.40 -1.72 -11.28
CA ASN A 235 1.35 -2.74 -11.18
C ASN A 235 1.71 -3.80 -10.14
N LEU A 236 2.93 -4.32 -10.22
CA LEU A 236 3.38 -5.32 -9.28
C LEU A 236 3.41 -4.77 -7.85
N ALA A 237 3.77 -3.51 -7.71
CA ALA A 237 3.81 -2.89 -6.38
C ALA A 237 2.41 -2.79 -5.75
N VAL A 238 1.41 -2.44 -6.56
CA VAL A 238 0.04 -2.39 -6.04
C VAL A 238 -0.39 -3.78 -5.54
N LEU A 239 -0.08 -4.82 -6.29
CA LEU A 239 -0.45 -6.17 -5.90
C LEU A 239 0.28 -6.60 -4.63
N LYS A 240 1.55 -6.24 -4.52
CA LYS A 240 2.30 -6.53 -3.30
C LYS A 240 1.70 -5.83 -2.08
N LEU A 241 1.42 -4.54 -2.23
CA LEU A 241 0.86 -3.77 -1.13
C LEU A 241 -0.56 -4.24 -0.77
N SER A 242 -1.32 -4.67 -1.77
CA SER A 242 -2.61 -5.30 -1.50
C SER A 242 -2.43 -6.54 -0.63
N GLU A 243 -1.55 -7.44 -1.06
CA GLU A 243 -1.41 -8.72 -0.39
C GLU A 243 -0.82 -8.61 0.99
N GLN A 244 -0.01 -7.57 1.22
CA GLN A 244 0.60 -7.35 2.52
C GLN A 244 -0.27 -6.55 3.48
N GLY A 245 -1.48 -6.22 3.03
CA GLY A 245 -2.44 -5.57 3.89
C GLY A 245 -2.32 -4.06 4.02
N LEU A 246 -1.40 -3.45 3.27
CA LEU A 246 -1.19 -2.00 3.36
C LEU A 246 -2.41 -1.19 2.96
N LEU A 247 -3.06 -1.62 1.88
CA LEU A 247 -4.18 -0.85 1.38
C LEU A 247 -5.33 -0.83 2.40
N ASP A 248 -5.54 -1.94 3.10
CA ASP A 248 -6.56 -1.99 4.14
C ASP A 248 -6.19 -1.09 5.32
N LYS A 249 -4.92 -1.10 5.70
CA LYS A 249 -4.45 -0.21 6.75
C LYS A 249 -4.68 1.26 6.40
N LEU A 250 -4.37 1.63 5.15
CA LEU A 250 -4.47 3.05 4.76
C LEU A 250 -5.93 3.49 4.72
N LYS A 251 -6.81 2.59 4.31
CA LYS A 251 -8.23 2.90 4.31
C LYS A 251 -8.73 3.15 5.73
N ASN A 252 -8.36 2.27 6.64
CA ASN A 252 -8.78 2.44 8.03
C ASN A 252 -8.23 3.74 8.62
N LYS A 253 -6.97 4.05 8.30
CA LYS A 253 -6.31 5.23 8.83
C LYS A 253 -7.02 6.53 8.44
N TRP A 254 -7.40 6.63 7.18
CA TRP A 254 -7.91 7.89 6.66
C TRP A 254 -9.44 7.98 6.69
N TRP A 255 -10.14 6.86 6.80
CA TRP A 255 -11.60 6.88 6.84
C TRP A 255 -12.15 6.76 8.25
N TYR A 256 -11.65 5.77 8.99
CA TYR A 256 -12.37 5.30 10.17
C TYR A 256 -11.65 5.55 11.49
N ASP A 257 -10.33 5.41 11.49
CA ASP A 257 -9.55 5.55 12.73
C ASP A 257 -9.77 6.90 13.42
N LYS A 258 -9.93 7.94 12.63
CA LYS A 258 -10.16 9.27 13.19
C LYS A 258 -11.50 9.85 12.71
N GLY A 259 -12.48 8.96 12.51
CA GLY A 259 -13.83 9.38 12.18
C GLY A 259 -14.42 10.21 13.30
N GLU A 260 -15.21 11.22 12.94
CA GLU A 260 -15.71 12.19 13.91
C GLU A 260 -17.17 11.99 14.26
N CYS A 261 -17.74 10.84 13.91
CA CYS A 261 -19.16 10.60 14.12
C CYS A 261 -19.39 9.30 14.88
N GLY B 1 52.04 21.00 -0.56
CA GLY B 1 51.44 22.15 -1.21
C GLY B 1 50.97 23.21 -0.24
N SER B 2 50.52 24.35 -0.78
CA SER B 2 49.97 25.43 0.02
C SER B 2 48.74 24.95 0.80
N ASN B 3 48.52 25.54 1.97
CA ASN B 3 47.39 25.13 2.80
C ASN B 3 46.06 25.42 2.12
N LYS B 4 45.17 24.44 2.19
CA LYS B 4 43.87 24.53 1.55
C LYS B 4 42.79 24.55 2.63
N THR B 5 41.67 25.19 2.36
CA THR B 5 40.52 25.11 3.26
C THR B 5 39.97 23.70 3.23
N VAL B 6 39.84 23.09 4.41
CA VAL B 6 39.38 21.71 4.51
C VAL B 6 37.86 21.66 4.38
N VAL B 7 37.35 20.81 3.49
CA VAL B 7 35.90 20.68 3.35
C VAL B 7 35.38 19.64 4.32
N VAL B 8 34.58 20.10 5.29
CA VAL B 8 33.97 19.22 6.29
C VAL B 8 32.56 18.86 5.86
N THR B 9 32.26 17.56 5.79
CA THR B 9 30.89 17.15 5.54
C THR B 9 30.30 16.78 6.91
N THR B 10 29.05 17.15 7.13
CA THR B 10 28.37 16.82 8.39
C THR B 10 26.88 16.78 8.10
N ILE B 11 26.06 16.60 9.12
CA ILE B 11 24.65 16.30 8.88
C ILE B 11 23.80 17.06 9.89
N LEU B 12 22.64 17.55 9.45
CA LEU B 12 21.76 18.27 10.35
C LEU B 12 21.07 17.27 11.27
N GLU B 13 21.56 17.20 12.50
CA GLU B 13 21.15 16.19 13.47
C GLU B 13 21.33 16.80 14.84
N SER B 14 20.23 17.01 15.57
CA SER B 14 20.33 17.63 16.88
C SER B 14 20.86 16.64 17.90
N PRO B 15 21.70 17.12 18.83
CA PRO B 15 22.25 18.47 18.98
C PRO B 15 23.65 18.58 18.39
N TYR B 16 23.96 17.76 17.39
CA TYR B 16 25.30 17.74 16.82
C TYR B 16 25.55 18.94 15.90
N VAL B 17 24.67 19.15 14.94
CA VAL B 17 24.75 20.31 14.05
C VAL B 17 23.34 20.82 13.82
N MET B 18 23.14 22.08 14.14
CA MET B 18 21.83 22.71 14.08
C MET B 18 21.97 24.09 13.47
N MET B 19 20.99 24.46 12.65
CA MET B 19 20.92 25.81 12.11
C MET B 19 20.51 26.76 13.23
N LYS B 20 21.32 27.79 13.48
CA LYS B 20 20.94 28.80 14.48
C LYS B 20 19.67 29.50 14.02
N LYS B 21 18.82 29.83 14.99
CA LYS B 21 17.59 30.54 14.66
C LYS B 21 17.89 31.79 13.84
N ASN B 22 17.15 31.94 12.74
CA ASN B 22 17.27 33.09 11.85
C ASN B 22 18.61 33.28 11.16
N HIS B 23 19.41 32.21 11.05
CA HIS B 23 20.68 32.32 10.36
C HIS B 23 20.68 31.78 8.94
N GLU B 24 19.51 31.42 8.43
CA GLU B 24 19.40 30.75 7.13
C GLU B 24 20.08 31.52 5.98
N MET B 25 20.00 32.85 6.01
CA MET B 25 20.51 33.67 4.91
C MET B 25 21.93 34.18 5.15
N LEU B 26 22.51 33.82 6.29
CA LEU B 26 23.87 34.20 6.57
C LEU B 26 24.81 33.24 5.83
N GLU B 27 26.11 33.49 5.92
CA GLU B 27 27.07 32.66 5.20
C GLU B 27 28.13 32.09 6.14
N GLY B 28 28.71 30.97 5.72
CA GLY B 28 29.84 30.42 6.45
C GLY B 28 29.46 29.65 7.70
N ASN B 29 30.49 29.32 8.48
CA ASN B 29 30.35 28.40 9.61
C ASN B 29 29.49 28.94 10.76
N GLU B 30 29.43 30.26 10.89
CA GLU B 30 28.72 30.88 12.01
C GLU B 30 27.21 30.55 12.00
N ARG B 31 26.70 30.11 10.86
CA ARG B 31 25.30 29.66 10.74
C ARG B 31 24.95 28.54 11.70
N TYR B 32 25.91 27.68 11.98
CA TYR B 32 25.62 26.41 12.67
C TYR B 32 26.08 26.39 14.12
N GLU B 33 25.39 25.62 14.94
CA GLU B 33 25.79 25.40 16.32
C GLU B 33 25.59 23.93 16.68
N GLY B 34 26.28 23.48 17.73
CA GLY B 34 26.07 22.13 18.21
C GLY B 34 27.35 21.43 18.64
N TYR B 35 27.20 20.22 19.17
CA TYR B 35 28.34 19.45 19.63
C TYR B 35 29.42 19.29 18.56
N CYS B 36 29.02 18.94 17.33
CA CYS B 36 30.03 18.69 16.30
C CYS B 36 30.58 19.99 15.72
N VAL B 37 29.86 21.10 15.86
CA VAL B 37 30.38 22.40 15.44
C VAL B 37 31.51 22.79 16.37
N ASP B 38 31.27 22.58 17.68
CA ASP B 38 32.30 22.85 18.69
C ASP B 38 33.46 21.89 18.52
N LEU B 39 33.16 20.63 18.22
CA LEU B 39 34.21 19.63 18.03
C LEU B 39 35.08 19.99 16.82
N ALA B 40 34.45 20.37 15.71
CA ALA B 40 35.20 20.73 14.51
C ALA B 40 36.14 21.90 14.78
N ALA B 41 35.66 22.90 15.53
CA ALA B 41 36.52 24.03 15.87
C ALA B 41 37.74 23.58 16.65
N GLU B 42 37.55 22.68 17.60
CA GLU B 42 38.69 22.20 18.40
C GLU B 42 39.65 21.36 17.55
N ILE B 43 39.10 20.46 16.74
CA ILE B 43 39.95 19.63 15.90
C ILE B 43 40.79 20.48 14.96
N ALA B 44 40.13 21.46 14.32
CA ALA B 44 40.83 22.35 13.40
C ALA B 44 41.92 23.16 14.08
N LYS B 45 41.64 23.58 15.31
CA LYS B 45 42.62 24.36 16.07
C LYS B 45 43.84 23.52 16.39
N HIS B 46 43.63 22.31 16.89
CA HIS B 46 44.75 21.45 17.25
C HIS B 46 45.54 20.93 16.06
N CYS B 47 44.88 20.73 14.92
CA CYS B 47 45.54 20.22 13.72
C CYS B 47 46.04 21.33 12.82
N GLY B 48 45.60 22.56 13.10
CA GLY B 48 46.07 23.73 12.39
C GLY B 48 45.54 23.89 10.98
N PHE B 49 44.25 23.68 10.78
CA PHE B 49 43.69 23.93 9.46
C PHE B 49 42.48 24.84 9.50
N LYS B 50 42.22 25.50 8.37
CA LYS B 50 40.99 26.25 8.13
C LYS B 50 39.98 25.30 7.51
N TYR B 51 38.70 25.55 7.73
CA TYR B 51 37.69 24.62 7.25
C TYR B 51 36.37 25.28 6.91
N LYS B 52 35.59 24.58 6.10
CA LYS B 52 34.27 25.00 5.71
C LYS B 52 33.29 23.90 6.04
N LEU B 53 32.31 24.19 6.90
CA LEU B 53 31.24 23.25 7.20
C LEU B 53 30.25 23.17 6.05
N THR B 54 30.01 21.96 5.56
CA THR B 54 28.99 21.72 4.54
C THR B 54 28.05 20.61 5.00
N ILE B 55 26.77 20.74 4.68
CA ILE B 55 25.81 19.71 5.01
C ILE B 55 25.70 18.71 3.87
N VAL B 56 25.87 17.43 4.19
CA VAL B 56 25.82 16.36 3.20
C VAL B 56 24.59 16.51 2.29
N GLY B 57 24.82 16.40 0.99
CA GLY B 57 23.78 16.73 0.02
C GLY B 57 22.54 15.87 0.08
N ASP B 58 22.70 14.57 0.33
CA ASP B 58 21.54 13.69 0.34
C ASP B 58 20.99 13.43 1.74
N GLY B 59 21.56 14.09 2.75
CA GLY B 59 21.06 14.00 4.11
C GLY B 59 21.21 12.65 4.78
N LYS B 60 22.12 11.83 4.29
CA LYS B 60 22.29 10.48 4.80
C LYS B 60 23.65 10.26 5.46
N TYR B 61 23.72 9.23 6.30
CA TYR B 61 24.97 8.91 6.97
C TYR B 61 25.93 8.16 6.04
N GLY B 62 25.49 7.08 5.43
CA GLY B 62 26.38 6.33 4.55
C GLY B 62 26.09 4.85 4.49
N ALA B 63 25.61 4.41 3.33
CA ALA B 63 25.42 2.98 3.09
C ALA B 63 25.80 2.68 1.65
N ARG B 64 26.16 1.43 1.38
CA ARG B 64 26.54 1.01 0.03
C ARG B 64 25.35 0.33 -0.63
N ASP B 65 24.90 0.87 -1.75
CA ASP B 65 23.79 0.28 -2.50
C ASP B 65 24.13 -1.15 -2.94
N ALA B 66 23.24 -2.08 -2.68
CA ALA B 66 23.49 -3.49 -3.00
C ALA B 66 23.58 -3.68 -4.51
N ASP B 67 22.80 -2.90 -5.26
CA ASP B 67 22.80 -2.99 -6.71
C ASP B 67 24.02 -2.30 -7.31
N THR B 68 24.05 -0.97 -7.23
CA THR B 68 25.07 -0.16 -7.88
C THR B 68 26.44 -0.22 -7.20
N LYS B 69 26.47 -0.65 -5.94
CA LYS B 69 27.69 -0.69 -5.12
C LYS B 69 28.22 0.72 -4.83
N ILE B 70 27.38 1.72 -5.02
CA ILE B 70 27.76 3.12 -4.79
C ILE B 70 27.45 3.53 -3.34
N TRP B 71 28.40 4.19 -2.70
CA TRP B 71 28.20 4.72 -1.35
C TRP B 71 27.43 6.03 -1.38
N ASN B 72 26.47 6.20 -0.47
CA ASN B 72 25.76 7.47 -0.37
C ASN B 72 26.16 8.18 0.92
N GLY B 73 25.50 9.29 1.23
CA GLY B 73 25.70 9.96 2.50
C GLY B 73 27.09 10.52 2.70
N MET B 74 27.44 10.79 3.97
CA MET B 74 28.73 11.37 4.28
C MET B 74 29.86 10.43 3.88
N VAL B 75 29.63 9.13 4.02
CA VAL B 75 30.64 8.16 3.63
C VAL B 75 30.92 8.32 2.14
N GLY B 76 29.87 8.38 1.33
CA GLY B 76 30.04 8.67 -0.09
C GLY B 76 30.82 9.93 -0.40
N GLU B 77 30.55 11.01 0.31
CA GLU B 77 31.27 12.25 0.04
CA GLU B 77 31.25 12.27 0.09
C GLU B 77 32.76 12.08 0.26
N LEU B 78 33.15 11.29 1.26
CA LEU B 78 34.57 11.01 1.48
C LEU B 78 35.14 10.10 0.40
N VAL B 79 34.42 9.02 0.12
CA VAL B 79 34.90 8.01 -0.82
C VAL B 79 35.12 8.60 -2.22
N TYR B 80 34.24 9.50 -2.65
CA TYR B 80 34.31 9.96 -4.05
C TYR B 80 34.98 11.34 -4.13
N GLY B 81 35.59 11.76 -3.02
CA GLY B 81 36.44 12.93 -3.03
C GLY B 81 35.72 14.27 -2.97
N LYS B 82 34.50 14.28 -2.44
CA LYS B 82 33.73 15.52 -2.39
C LYS B 82 33.93 16.29 -1.09
N ALA B 83 34.46 15.61 -0.08
CA ALA B 83 34.80 16.24 1.21
C ALA B 83 36.11 15.66 1.75
N ASP B 84 36.77 16.41 2.63
CA ASP B 84 38.08 16.03 3.14
C ASP B 84 37.99 15.29 4.48
N ILE B 85 36.89 15.51 5.18
CA ILE B 85 36.73 14.99 6.54
C ILE B 85 35.24 15.03 6.89
N ALA B 86 34.79 14.06 7.68
CA ALA B 86 33.43 14.05 8.18
C ALA B 86 33.47 14.21 9.69
N ILE B 87 32.77 15.23 10.20
CA ILE B 87 32.73 15.45 11.64
C ILE B 87 31.28 15.49 12.03
N ALA B 88 30.79 14.36 12.54
CA ALA B 88 29.36 14.10 12.66
C ALA B 88 29.16 12.90 13.57
N PRO B 89 27.91 12.65 14.00
CA PRO B 89 27.67 11.41 14.76
C PRO B 89 27.67 10.21 13.81
N LEU B 90 28.85 9.92 13.27
CA LEU B 90 29.06 8.88 12.27
C LEU B 90 29.63 7.62 12.93
N THR B 91 28.86 6.53 12.92
CA THR B 91 29.23 5.34 13.66
C THR B 91 30.38 4.58 13.02
N ILE B 92 31.35 4.22 13.85
CA ILE B 92 32.45 3.36 13.42
C ILE B 92 31.94 1.93 13.18
N THR B 93 32.02 1.47 11.93
CA THR B 93 31.61 0.10 11.59
C THR B 93 32.66 -0.55 10.72
N LEU B 94 32.64 -1.88 10.69
CA LEU B 94 33.55 -2.66 9.86
C LEU B 94 33.47 -2.30 8.38
N VAL B 95 32.27 -2.29 7.82
CA VAL B 95 32.18 -2.05 6.37
C VAL B 95 32.64 -0.65 6.00
N ARG B 96 32.46 0.30 6.91
CA ARG B 96 32.95 1.63 6.64
C ARG B 96 34.46 1.71 6.80
N GLU B 97 34.99 1.09 7.85
CA GLU B 97 36.44 1.18 8.12
C GLU B 97 37.24 0.51 7.01
N GLU B 98 36.59 -0.36 6.25
CA GLU B 98 37.23 -0.95 5.08
C GLU B 98 37.45 0.06 3.97
N VAL B 99 36.65 1.14 3.91
CA VAL B 99 36.77 2.10 2.81
C VAL B 99 37.14 3.54 3.19
N ILE B 100 36.98 3.91 4.46
CA ILE B 100 37.45 5.22 4.96
C ILE B 100 38.22 4.99 6.25
N ASP B 101 38.91 6.01 6.74
CA ASP B 101 39.61 5.91 8.03
C ASP B 101 38.79 6.56 9.14
N PHE B 102 38.83 5.98 10.33
CA PHE B 102 38.19 6.59 11.50
C PHE B 102 39.22 6.92 12.55
N SER B 103 39.04 8.06 13.22
CA SER B 103 39.75 8.35 14.44
C SER B 103 39.31 7.39 15.53
N LYS B 104 40.04 7.38 16.64
CA LYS B 104 39.51 6.80 17.86
C LYS B 104 38.18 7.47 18.18
N PRO B 105 37.30 6.76 18.87
CA PRO B 105 35.95 7.32 19.07
C PRO B 105 35.92 8.55 19.95
N PHE B 106 35.05 9.51 19.63
CA PHE B 106 34.92 10.66 20.49
C PHE B 106 33.69 10.59 21.38
N MET B 107 32.79 9.66 21.10
CA MET B 107 31.57 9.49 21.90
C MET B 107 31.11 8.02 21.80
N SER B 108 30.70 7.45 22.92
CA SER B 108 30.15 6.12 22.92
C SER B 108 28.64 6.13 22.76
N LEU B 109 28.11 5.05 22.20
CA LEU B 109 26.68 4.89 22.03
CA LEU B 109 26.66 4.89 22.08
C LEU B 109 26.32 3.43 21.88
N GLY B 110 25.02 3.12 21.98
CA GLY B 110 24.54 1.80 21.64
C GLY B 110 23.14 1.98 21.07
N ILE B 111 22.71 1.06 20.22
CA ILE B 111 21.31 1.05 19.80
C ILE B 111 20.39 0.90 21.02
N SER B 112 19.29 1.65 21.03
CA SER B 112 18.40 1.74 22.17
C SER B 112 16.96 1.89 21.70
N ILE B 113 16.02 1.74 22.62
CA ILE B 113 14.59 1.83 22.31
C ILE B 113 14.00 3.14 22.79
N MET B 114 13.38 3.90 21.89
CA MET B 114 12.58 5.05 22.29
C MET B 114 11.09 4.72 22.27
N ILE B 115 10.41 4.97 23.38
CA ILE B 115 8.96 4.80 23.44
C ILE B 115 8.25 6.08 23.80
N LYS B 116 6.98 6.19 23.41
CA LYS B 116 6.12 7.22 23.98
C LYS B 116 5.88 6.82 25.42
N LYS B 117 5.89 7.77 26.35
CA LYS B 117 5.72 7.41 27.77
C LYS B 117 4.44 6.63 27.99
N GLY B 118 4.53 5.53 28.74
CA GLY B 118 3.37 4.70 29.01
C GLY B 118 3.27 3.47 28.14
N THR B 119 4.06 3.42 27.07
CA THR B 119 4.10 2.24 26.21
C THR B 119 4.57 1.00 26.99
N PRO B 120 3.80 -0.10 26.92
CA PRO B 120 4.14 -1.32 27.68
C PRO B 120 5.27 -2.13 27.04
N ILE B 121 6.44 -1.52 26.96
CA ILE B 121 7.63 -2.13 26.37
C ILE B 121 8.80 -1.80 27.28
N GLU B 122 9.60 -2.81 27.64
CA GLU B 122 10.78 -2.59 28.48
C GLU B 122 12.08 -3.02 27.81
N SER B 123 11.99 -3.77 26.72
CA SER B 123 13.18 -4.40 26.14
C SER B 123 12.98 -4.78 24.69
N ALA B 124 14.09 -5.11 24.02
CA ALA B 124 14.04 -5.61 22.64
C ALA B 124 13.24 -6.91 22.61
N GLU B 125 13.46 -7.76 23.61
CA GLU B 125 12.76 -9.02 23.71
C GLU B 125 11.25 -8.77 23.74
N ASP B 126 10.83 -7.78 24.53
CA ASP B 126 9.42 -7.39 24.58
C ASP B 126 8.88 -7.02 23.20
N LEU B 127 9.59 -6.18 22.48
CA LEU B 127 9.17 -5.80 21.13
C LEU B 127 8.99 -7.04 20.25
N SER B 128 9.96 -7.94 20.32
CA SER B 128 9.98 -9.09 19.41
C SER B 128 8.86 -10.11 19.68
N LYS B 129 8.27 -10.04 20.88
CA LYS B 129 7.28 -11.03 21.32
C LYS B 129 5.84 -10.58 21.11
N GLN B 130 5.65 -9.43 20.45
CA GLN B 130 4.31 -8.89 20.28
C GLN B 130 4.14 -8.28 18.89
N THR B 131 2.92 -7.87 18.56
CA THR B 131 2.61 -7.37 17.23
C THR B 131 1.83 -6.05 17.24
N GLU B 132 1.27 -5.68 18.39
CA GLU B 132 0.45 -4.46 18.49
C GLU B 132 1.27 -3.20 18.22
N ILE B 133 2.50 -3.20 18.66
CA ILE B 133 3.35 -2.02 18.55
C ILE B 133 4.36 -2.23 17.44
N ALA B 134 4.30 -1.37 16.44
CA ALA B 134 5.28 -1.39 15.35
C ALA B 134 6.61 -0.81 15.83
N TYR B 135 7.68 -1.12 15.12
CA TYR B 135 8.98 -0.53 15.44
C TYR B 135 9.89 -0.56 14.23
N GLY B 136 10.74 0.46 14.12
CA GLY B 136 11.70 0.52 13.03
C GLY B 136 12.94 1.33 13.33
N THR B 137 13.69 1.65 12.29
CA THR B 137 14.97 2.33 12.40
C THR B 137 15.11 3.44 11.38
N LEU B 138 16.19 4.20 11.49
CA LEU B 138 16.59 5.12 10.43
C LEU B 138 16.96 4.33 9.19
N ASP B 139 16.66 4.87 8.01
CA ASP B 139 17.17 4.24 6.81
C ASP B 139 18.61 4.66 6.50
N SER B 140 19.35 3.78 5.85
CA SER B 140 20.68 4.09 5.33
C SER B 140 21.71 4.37 6.42
N GLY B 141 21.57 3.71 7.56
CA GLY B 141 22.50 3.93 8.66
C GLY B 141 22.96 2.65 9.31
N SER B 142 23.73 2.79 10.39
CA SER B 142 24.31 1.62 11.05
C SER B 142 23.30 0.82 11.87
N THR B 143 22.23 1.47 12.35
CA THR B 143 21.24 0.72 13.13
C THR B 143 20.50 -0.27 12.23
N LYS B 144 20.11 0.18 11.05
CA LYS B 144 19.42 -0.72 10.13
C LYS B 144 20.33 -1.89 9.80
N GLU B 145 21.59 -1.60 9.48
CA GLU B 145 22.55 -2.65 9.12
CA GLU B 145 22.54 -2.63 9.11
C GLU B 145 22.77 -3.62 10.28
N PHE B 146 22.77 -3.12 11.52
CA PHE B 146 22.89 -4.00 12.69
C PHE B 146 21.81 -5.09 12.70
N PHE B 147 20.58 -4.70 12.45
CA PHE B 147 19.50 -5.67 12.47
C PHE B 147 19.59 -6.59 11.25
N ARG B 148 19.96 -6.02 10.11
CA ARG B 148 20.09 -6.80 8.88
C ARG B 148 21.08 -7.95 9.06
N ARG B 149 22.14 -7.69 9.82
CA ARG B 149 23.25 -8.63 9.95
C ARG B 149 23.18 -9.54 11.17
N SER B 150 22.34 -9.20 12.15
CA SER B 150 22.41 -9.91 13.43
C SER B 150 22.00 -11.37 13.36
N LYS B 151 22.78 -12.21 14.04
CA LYS B 151 22.46 -13.62 14.17
C LYS B 151 21.94 -13.93 15.58
N ILE B 152 21.79 -12.91 16.40
CA ILE B 152 21.20 -13.08 17.73
C ILE B 152 19.68 -13.26 17.57
N ALA B 153 19.14 -14.29 18.22
CA ALA B 153 17.74 -14.71 18.02
C ALA B 153 16.75 -13.55 18.03
N VAL B 154 16.71 -12.80 19.13
CA VAL B 154 15.76 -11.70 19.28
C VAL B 154 15.91 -10.66 18.15
N PHE B 155 17.15 -10.32 17.81
CA PHE B 155 17.37 -9.27 16.82
C PHE B 155 17.05 -9.77 15.41
N ASP B 156 17.36 -11.04 15.12
CA ASP B 156 16.98 -11.67 13.86
C ASP B 156 15.45 -11.68 13.69
N LYS B 157 14.74 -11.97 14.77
CA LYS B 157 13.28 -11.97 14.77
C LYS B 157 12.75 -10.57 14.47
N MET B 158 13.40 -9.58 15.07
CA MET B 158 13.02 -8.19 14.87
C MET B 158 13.24 -7.76 13.42
N TRP B 159 14.38 -8.16 12.85
CA TRP B 159 14.68 -7.82 11.47
C TRP B 159 13.69 -8.50 10.53
N THR B 160 13.36 -9.75 10.83
CA THR B 160 12.43 -10.49 9.97
C THR B 160 11.09 -9.74 9.90
N TYR B 161 10.63 -9.24 11.04
CA TYR B 161 9.43 -8.42 11.05
C TYR B 161 9.65 -7.07 10.34
N MET B 162 10.70 -6.34 10.69
CA MET B 162 10.86 -4.99 10.12
C MET B 162 11.03 -4.97 8.61
N ARG B 163 11.78 -5.93 8.06
CA ARG B 163 12.16 -5.85 6.65
C ARG B 163 10.95 -5.97 5.71
N SER B 164 9.85 -6.55 6.20
CA SER B 164 8.69 -6.72 5.33
C SER B 164 7.41 -6.07 5.89
N ALA B 165 7.54 -5.31 6.99
CA ALA B 165 6.38 -4.61 7.56
C ALA B 165 5.85 -3.54 6.61
N GLU B 166 4.52 -3.47 6.51
CA GLU B 166 3.85 -2.40 5.76
C GLU B 166 2.83 -1.69 6.64
N PRO B 167 2.80 -0.35 6.61
CA PRO B 167 3.71 0.51 5.84
C PRO B 167 5.12 0.44 6.39
N SER B 168 6.09 0.96 5.64
CA SER B 168 7.50 0.94 6.04
C SER B 168 7.66 1.41 7.48
N VAL B 169 8.42 0.66 8.27
CA VAL B 169 8.72 1.07 9.63
C VAL B 169 9.99 1.92 9.68
N PHE B 170 10.64 2.08 8.52
CA PHE B 170 11.86 2.87 8.43
C PHE B 170 11.53 4.33 8.16
N VAL B 171 12.40 5.22 8.63
CA VAL B 171 12.21 6.66 8.47
C VAL B 171 13.43 7.32 7.84
N ARG B 172 13.24 8.52 7.31
CA ARG B 172 14.29 9.19 6.55
C ARG B 172 15.28 9.94 7.41
N THR B 173 14.77 10.47 8.53
CA THR B 173 15.57 11.26 9.45
C THR B 173 15.18 10.90 10.87
N THR B 174 16.07 11.19 11.81
CA THR B 174 15.77 10.96 13.23
C THR B 174 14.52 11.72 13.65
N ALA B 175 14.40 12.97 13.21
CA ALA B 175 13.22 13.78 13.53
C ALA B 175 11.91 13.11 13.08
N GLU B 176 11.92 12.44 11.92
CA GLU B 176 10.73 11.76 11.44
C GLU B 176 10.38 10.57 12.33
N GLY B 177 11.39 9.86 12.81
CA GLY B 177 11.14 8.75 13.71
C GLY B 177 10.57 9.22 15.04
N VAL B 178 11.13 10.31 15.56
CA VAL B 178 10.66 10.88 16.84
C VAL B 178 9.22 11.35 16.70
N ALA B 179 8.93 12.07 15.62
CA ALA B 179 7.57 12.51 15.36
C ALA B 179 6.61 11.33 15.23
N ARG B 180 7.06 10.23 14.62
CA ARG B 180 6.22 9.06 14.49
C ARG B 180 5.89 8.41 15.84
N VAL B 181 6.88 8.35 16.74
CA VAL B 181 6.62 7.89 18.10
C VAL B 181 5.58 8.77 18.78
N ARG B 182 5.80 10.08 18.70
CA ARG B 182 4.96 11.06 19.41
C ARG B 182 3.52 11.06 18.93
N LYS B 183 3.31 10.76 17.65
CA LYS B 183 1.98 10.86 17.06
C LYS B 183 1.21 9.54 17.06
N SER B 184 1.88 8.44 17.43
CA SER B 184 1.27 7.12 17.21
C SER B 184 0.60 6.51 18.44
N LYS B 185 0.46 7.31 19.50
CA LYS B 185 -0.27 6.91 20.70
C LYS B 185 0.27 5.63 21.33
N GLY B 186 1.59 5.46 21.28
CA GLY B 186 2.23 4.29 21.86
C GLY B 186 2.32 3.10 20.94
N LYS B 187 1.85 3.25 19.71
CA LYS B 187 1.81 2.11 18.78
C LYS B 187 3.02 2.05 17.84
N TYR B 188 3.98 2.95 18.02
CA TYR B 188 5.25 2.89 17.31
C TYR B 188 6.36 3.15 18.29
N ALA B 189 7.37 2.27 18.28
CA ALA B 189 8.61 2.47 19.05
C ALA B 189 9.76 2.64 18.06
N TYR B 190 10.72 3.49 18.41
CA TYR B 190 11.80 3.84 17.47
C TYR B 190 13.13 3.32 17.98
N LEU B 191 13.85 2.61 17.13
CA LEU B 191 15.17 2.10 17.48
C LEU B 191 16.23 3.08 16.98
N LEU B 192 16.94 3.69 17.91
CA LEU B 192 17.93 4.70 17.55
C LEU B 192 19.07 4.71 18.55
N GLU B 193 20.10 5.48 18.24
CA GLU B 193 21.29 5.45 19.08
C GLU B 193 21.03 6.16 20.42
N SER B 194 21.59 5.59 21.48
CA SER B 194 21.32 6.06 22.84
C SER B 194 21.58 7.55 23.02
N THR B 195 22.61 8.04 22.37
CA THR B 195 22.94 9.46 22.37
C THR B 195 21.76 10.33 21.91
N MET B 196 21.20 9.99 20.76
CA MET B 196 20.07 10.78 20.25
CA MET B 196 20.05 10.73 20.22
C MET B 196 18.83 10.55 21.12
N ASN B 197 18.62 9.33 21.56
CA ASN B 197 17.50 8.99 22.45
C ASN B 197 17.53 9.85 23.73
N GLU B 198 18.69 9.88 24.37
CA GLU B 198 18.86 10.58 25.64
C GLU B 198 18.72 12.10 25.44
N TYR B 199 19.13 12.60 24.29
CA TYR B 199 18.94 14.00 23.99
C TYR B 199 17.45 14.36 23.90
N ILE B 200 16.70 13.58 23.12
CA ILE B 200 15.27 13.86 22.90
C ILE B 200 14.47 13.71 24.19
N GLU B 201 14.92 12.81 25.06
CA GLU B 201 14.28 12.61 26.36
C GLU B 201 14.32 13.87 27.24
N GLN B 202 15.28 14.74 26.97
CA GLN B 202 15.41 15.98 27.75
C GLN B 202 14.90 17.20 26.96
N ARG B 203 14.10 16.95 25.93
CA ARG B 203 13.50 18.03 25.16
C ARG B 203 11.99 18.04 25.26
N LYS B 204 11.39 19.23 25.36
CA LYS B 204 9.94 19.36 25.29
C LYS B 204 9.42 18.69 24.02
N PRO B 205 8.22 18.11 24.05
CA PRO B 205 7.26 18.10 25.18
C PRO B 205 7.48 17.01 26.21
N CYS B 206 8.69 16.45 26.30
CA CYS B 206 9.03 15.51 27.36
C CYS B 206 8.10 14.30 27.38
N ASP B 207 7.77 13.76 26.21
CA ASP B 207 6.79 12.68 26.14
C ASP B 207 7.39 11.37 25.66
N THR B 208 8.72 11.33 25.51
CA THR B 208 9.40 10.10 25.12
C THR B 208 10.37 9.68 26.19
N MET B 209 10.76 8.41 26.15
CA MET B 209 11.86 8.01 27.00
C MET B 209 12.58 6.81 26.45
N LYS B 210 13.80 6.65 26.94
CA LYS B 210 14.61 5.49 26.63
C LYS B 210 14.23 4.36 27.58
N VAL B 211 14.05 3.16 27.04
CA VAL B 211 13.77 2.01 27.90
C VAL B 211 14.68 0.84 27.62
N GLY B 212 15.03 0.13 28.69
CA GLY B 212 15.87 -1.04 28.57
C GLY B 212 17.33 -0.68 28.42
N GLY B 213 18.18 -1.70 28.29
CA GLY B 213 19.60 -1.49 28.11
C GLY B 213 19.89 -1.27 26.64
N ASN B 214 21.12 -0.88 26.33
CA ASN B 214 21.51 -0.75 24.93
C ASN B 214 21.71 -2.12 24.31
N LEU B 215 21.43 -2.22 23.02
CA LEU B 215 21.52 -3.49 22.31
C LEU B 215 22.95 -3.81 21.88
N ASP B 216 23.77 -2.79 21.78
CA ASP B 216 25.17 -2.99 21.41
C ASP B 216 26.03 -1.88 21.99
N SER B 217 27.34 -1.94 21.74
CA SER B 217 28.26 -0.94 22.28
CA SER B 217 28.27 -0.96 22.29
C SER B 217 29.28 -0.53 21.24
N LYS B 218 29.31 0.75 20.91
CA LYS B 218 30.20 1.22 19.87
C LYS B 218 30.45 2.71 20.01
N GLY B 219 30.89 3.36 18.94
CA GLY B 219 31.27 4.76 19.05
C GLY B 219 31.20 5.53 17.75
N TYR B 220 31.18 6.85 17.86
CA TYR B 220 31.31 7.74 16.70
C TYR B 220 32.78 8.08 16.52
N GLY B 221 33.24 8.15 15.27
CA GLY B 221 34.59 8.61 14.98
C GLY B 221 34.61 9.70 13.92
N ILE B 222 35.70 10.47 13.88
CA ILE B 222 35.90 11.44 12.82
C ILE B 222 36.50 10.69 11.63
N ALA B 223 35.91 10.86 10.46
CA ALA B 223 36.31 10.04 9.31
C ALA B 223 37.02 10.86 8.25
N THR B 224 38.02 10.23 7.64
CA THR B 224 38.78 10.82 6.54
C THR B 224 38.90 9.80 5.43
N PRO B 225 39.13 10.28 4.18
CA PRO B 225 39.38 9.33 3.10
C PRO B 225 40.63 8.49 3.39
N LYS B 226 40.65 7.25 2.90
CA LYS B 226 41.79 6.38 3.09
C LYS B 226 43.09 7.06 2.66
N GLY B 227 44.09 7.00 3.53
CA GLY B 227 45.39 7.58 3.24
C GLY B 227 45.45 9.09 3.21
N SER B 228 44.42 9.74 3.74
CA SER B 228 44.44 11.19 3.88
C SER B 228 45.56 11.62 4.82
N SER B 229 46.22 12.73 4.50
CA SER B 229 47.30 13.23 5.35
C SER B 229 46.77 13.73 6.68
N LEU B 230 45.47 13.98 6.75
CA LEU B 230 44.84 14.52 7.96
C LEU B 230 44.60 13.48 9.05
N GLY B 231 44.48 12.21 8.65
CA GLY B 231 44.06 11.17 9.57
C GLY B 231 44.88 11.04 10.85
N ASN B 232 46.19 11.05 10.72
CA ASN B 232 47.05 10.92 11.90
C ASN B 232 46.84 12.02 12.93
N ALA B 233 46.93 13.27 12.48
CA ALA B 233 46.79 14.40 13.39
C ALA B 233 45.40 14.42 14.01
N VAL B 234 44.38 14.11 13.22
CA VAL B 234 43.01 14.10 13.74
C VAL B 234 42.85 13.06 14.85
N ASN B 235 43.43 11.88 14.62
CA ASN B 235 43.35 10.79 15.59
C ASN B 235 43.99 11.20 16.91
N LEU B 236 45.18 11.79 16.84
CA LEU B 236 45.85 12.22 18.06
C LEU B 236 45.08 13.37 18.73
N ALA B 237 44.45 14.24 17.92
CA ALA B 237 43.69 15.35 18.49
C ALA B 237 42.48 14.85 19.28
N VAL B 238 41.79 13.84 18.74
CA VAL B 238 40.65 13.30 19.46
C VAL B 238 41.09 12.79 20.84
N LEU B 239 42.24 12.12 20.89
CA LEU B 239 42.73 11.58 22.16
C LEU B 239 43.09 12.73 23.10
N LYS B 240 43.64 13.81 22.55
CA LYS B 240 43.96 14.96 23.40
C LYS B 240 42.69 15.60 23.97
N LEU B 241 41.68 15.80 23.12
CA LEU B 241 40.40 16.31 23.59
C LEU B 241 39.79 15.43 24.67
N SER B 242 39.88 14.12 24.48
CA SER B 242 39.35 13.20 25.45
C SER B 242 40.07 13.39 26.79
N GLU B 243 41.40 13.40 26.76
CA GLU B 243 42.16 13.46 28.01
C GLU B 243 42.12 14.81 28.70
N GLN B 244 41.84 15.87 27.94
CA GLN B 244 41.74 17.20 28.54
C GLN B 244 40.34 17.46 29.10
N GLY B 245 39.44 16.50 28.93
CA GLY B 245 38.08 16.60 29.45
C GLY B 245 37.13 17.42 28.59
N LEU B 246 37.59 17.78 27.39
CA LEU B 246 36.80 18.64 26.51
C LEU B 246 35.58 17.89 25.96
N LEU B 247 35.75 16.62 25.60
CA LEU B 247 34.60 15.86 25.11
C LEU B 247 33.49 15.75 26.16
N ASP B 248 33.87 15.58 27.42
CA ASP B 248 32.89 15.56 28.51
C ASP B 248 32.19 16.92 28.68
N LYS B 249 32.97 18.00 28.60
CA LYS B 249 32.40 19.35 28.65
C LYS B 249 31.35 19.57 27.57
N LEU B 250 31.67 19.13 26.35
CA LEU B 250 30.76 19.31 25.22
C LEU B 250 29.48 18.48 25.38
N LYS B 251 29.62 17.25 25.88
CA LYS B 251 28.46 16.41 26.16
C LYS B 251 27.52 17.09 27.15
N ASN B 252 28.08 17.57 28.25
CA ASN B 252 27.27 18.26 29.25
C ASN B 252 26.62 19.51 28.67
N LYS B 253 27.38 20.26 27.87
CA LYS B 253 26.87 21.50 27.30
C LYS B 253 25.64 21.27 26.42
N TRP B 254 25.67 20.23 25.59
CA TRP B 254 24.63 20.06 24.58
C TRP B 254 23.53 19.04 24.96
N TRP B 255 23.73 18.27 26.01
CA TRP B 255 22.71 17.32 26.43
C TRP B 255 21.97 17.79 27.68
N TYR B 256 22.73 18.13 28.69
CA TYR B 256 22.14 18.23 30.01
C TYR B 256 22.06 19.65 30.53
N ASP B 257 23.04 20.50 30.21
CA ASP B 257 22.91 21.93 30.52
C ASP B 257 21.69 22.50 29.79
N LYS B 258 21.38 21.94 28.63
CA LYS B 258 20.27 22.41 27.81
C LYS B 258 18.91 21.83 28.23
N GLY B 259 18.94 20.80 29.06
CA GLY B 259 17.75 20.06 29.46
C GLY B 259 16.50 20.89 29.72
N GLU B 260 15.38 20.44 29.16
CA GLU B 260 14.11 21.16 29.26
C GLU B 260 13.08 20.42 30.10
N CYS B 261 13.40 19.19 30.47
CA CYS B 261 12.44 18.34 31.18
C CYS B 261 12.84 18.11 32.63
N GLY B 262 13.43 19.14 33.24
CA GLY B 262 13.89 19.05 34.62
C GLY B 262 15.25 18.39 34.73
N ASN C 3 -6.49 -17.07 -38.26
CA ASN C 3 -7.71 -17.37 -37.51
C ASN C 3 -7.71 -18.77 -36.94
N LYS C 4 -7.42 -18.86 -35.64
CA LYS C 4 -7.29 -20.13 -34.94
C LYS C 4 -8.30 -20.22 -33.81
N THR C 5 -8.83 -21.42 -33.58
CA THR C 5 -9.75 -21.61 -32.46
C THR C 5 -8.97 -21.46 -31.16
N VAL C 6 -9.44 -20.56 -30.30
CA VAL C 6 -8.79 -20.27 -29.03
C VAL C 6 -9.08 -21.37 -28.02
N VAL C 7 -8.03 -21.92 -27.42
CA VAL C 7 -8.20 -22.93 -26.37
C VAL C 7 -8.37 -22.24 -25.02
N VAL C 8 -9.54 -22.41 -24.42
CA VAL C 8 -9.84 -21.81 -23.14
C VAL C 8 -9.66 -22.87 -22.05
N THR C 9 -8.79 -22.61 -21.07
CA THR C 9 -8.76 -23.50 -19.91
C THR C 9 -9.68 -22.92 -18.84
N THR C 10 -10.43 -23.80 -18.18
CA THR C 10 -11.32 -23.38 -17.12
C THR C 10 -11.47 -24.54 -16.15
N ILE C 11 -12.31 -24.39 -15.12
CA ILE C 11 -12.34 -25.35 -14.03
C ILE C 11 -13.78 -25.62 -13.63
N LEU C 12 -14.10 -26.87 -13.30
CA LEU C 12 -15.46 -27.19 -12.85
C LEU C 12 -15.61 -26.66 -11.43
N GLU C 13 -16.34 -25.56 -11.31
CA GLU C 13 -16.53 -24.86 -10.04
C GLU C 13 -17.85 -24.13 -10.09
N SER C 14 -18.79 -24.49 -9.22
CA SER C 14 -20.13 -23.89 -9.28
C SER C 14 -20.11 -22.49 -8.69
N PRO C 15 -20.86 -21.55 -9.29
CA PRO C 15 -21.69 -21.65 -10.49
C PRO C 15 -20.95 -21.13 -11.71
N TYR C 16 -19.62 -21.17 -11.68
CA TYR C 16 -18.82 -20.62 -12.76
C TYR C 16 -18.85 -21.49 -14.01
N VAL C 17 -18.50 -22.76 -13.83
CA VAL C 17 -18.59 -23.75 -14.90
C VAL C 17 -19.15 -25.04 -14.31
N MET C 18 -20.28 -25.47 -14.87
CA MET C 18 -20.96 -26.67 -14.39
C MET C 18 -21.36 -27.51 -15.59
N MET C 19 -21.37 -28.83 -15.43
CA MET C 19 -21.92 -29.68 -16.47
C MET C 19 -23.43 -29.52 -16.49
N LYS C 20 -24.02 -29.34 -17.67
CA LYS C 20 -25.48 -29.28 -17.77
C LYS C 20 -26.06 -30.63 -17.38
N LYS C 21 -27.30 -30.65 -16.91
CA LYS C 21 -27.94 -31.90 -16.50
C LYS C 21 -27.87 -32.95 -17.60
N ASN C 22 -28.10 -32.52 -18.82
CA ASN C 22 -28.13 -33.42 -19.95
C ASN C 22 -26.82 -33.42 -20.74
N HIS C 23 -25.71 -33.19 -20.06
CA HIS C 23 -24.42 -33.06 -20.73
C HIS C 23 -24.00 -34.28 -21.56
N GLU C 24 -24.42 -35.47 -21.14
CA GLU C 24 -23.97 -36.70 -21.80
C GLU C 24 -24.39 -36.76 -23.28
N MET C 25 -25.45 -36.04 -23.64
CA MET C 25 -25.91 -36.04 -25.02
C MET C 25 -25.54 -34.77 -25.76
N LEU C 26 -24.74 -33.93 -25.12
CA LEU C 26 -24.31 -32.68 -25.72
C LEU C 26 -22.83 -32.75 -26.10
N GLU C 27 -22.37 -31.84 -26.96
CA GLU C 27 -20.99 -31.87 -27.41
C GLU C 27 -20.29 -30.53 -27.28
N GLY C 28 -18.98 -30.56 -27.11
CA GLY C 28 -18.17 -29.36 -27.07
C GLY C 28 -18.62 -28.37 -26.01
N ASN C 29 -18.62 -27.10 -26.36
CA ASN C 29 -18.96 -26.04 -25.41
C ASN C 29 -20.37 -26.15 -24.85
N GLU C 30 -21.27 -26.81 -25.57
CA GLU C 30 -22.67 -26.85 -25.14
CA GLU C 30 -22.68 -26.89 -25.17
C GLU C 30 -22.88 -27.77 -23.93
N ARG C 31 -21.87 -28.58 -23.60
CA ARG C 31 -21.92 -29.43 -22.42
C ARG C 31 -22.01 -28.65 -21.11
N TYR C 32 -21.52 -27.42 -21.14
CA TYR C 32 -21.30 -26.63 -19.93
C TYR C 32 -22.20 -25.41 -19.80
N GLU C 33 -22.45 -25.00 -18.57
CA GLU C 33 -23.19 -23.77 -18.30
C GLU C 33 -22.62 -23.07 -17.07
N GLY C 34 -22.92 -21.79 -16.93
CA GLY C 34 -22.50 -21.08 -15.74
C GLY C 34 -21.98 -19.69 -16.05
N TYR C 35 -21.65 -18.96 -15.00
CA TYR C 35 -21.19 -17.59 -15.12
C TYR C 35 -20.03 -17.45 -16.11
N CYS C 36 -19.02 -18.32 -16.00
CA CYS C 36 -17.84 -18.18 -16.85
C CYS C 36 -18.08 -18.71 -18.26
N VAL C 37 -19.06 -19.60 -18.40
CA VAL C 37 -19.45 -20.04 -19.74
C VAL C 37 -20.10 -18.88 -20.48
N ASP C 38 -20.96 -18.14 -19.77
CA ASP C 38 -21.58 -16.96 -20.35
C ASP C 38 -20.56 -15.88 -20.62
N LEU C 39 -19.64 -15.70 -19.67
CA LEU C 39 -18.61 -14.67 -19.83
C LEU C 39 -17.72 -14.98 -21.04
N ALA C 40 -17.32 -16.25 -21.19
CA ALA C 40 -16.49 -16.65 -22.31
C ALA C 40 -17.15 -16.31 -23.65
N ALA C 41 -18.44 -16.59 -23.74
CA ALA C 41 -19.19 -16.31 -24.95
C ALA C 41 -19.22 -14.81 -25.25
N GLU C 42 -19.39 -13.99 -24.22
CA GLU C 42 -19.40 -12.54 -24.41
C GLU C 42 -18.02 -12.02 -24.81
N ILE C 43 -16.99 -12.49 -24.12
CA ILE C 43 -15.62 -12.09 -24.43
C ILE C 43 -15.30 -12.45 -25.87
N ALA C 44 -15.63 -13.69 -26.26
CA ALA C 44 -15.33 -14.16 -27.61
C ALA C 44 -16.04 -13.33 -28.67
N LYS C 45 -17.28 -12.95 -28.39
CA LYS C 45 -18.06 -12.14 -29.32
C LYS C 45 -17.43 -10.75 -29.49
N HIS C 46 -17.03 -10.13 -28.39
CA HIS C 46 -16.46 -8.78 -28.49
C HIS C 46 -15.05 -8.75 -29.03
N CYS C 47 -14.30 -9.83 -28.86
CA CYS C 47 -12.93 -9.88 -29.35
C CYS C 47 -12.87 -10.53 -30.73
N GLY C 48 -13.96 -11.16 -31.13
CA GLY C 48 -14.07 -11.79 -32.42
C GLY C 48 -13.25 -13.06 -32.60
N PHE C 49 -13.33 -13.99 -31.66
CA PHE C 49 -12.71 -15.30 -31.89
C PHE C 49 -13.65 -16.45 -31.61
N LYS C 50 -13.30 -17.60 -32.20
CA LYS C 50 -13.96 -18.86 -31.89
C LYS C 50 -13.13 -19.54 -30.82
N TYR C 51 -13.77 -20.38 -30.01
CA TYR C 51 -13.07 -20.95 -28.86
C TYR C 51 -13.58 -22.33 -28.50
N LYS C 52 -12.74 -23.07 -27.78
CA LYS C 52 -13.13 -24.36 -27.24
C LYS C 52 -12.87 -24.37 -25.73
N LEU C 53 -13.93 -24.60 -24.95
CA LEU C 53 -13.76 -24.78 -23.51
C LEU C 53 -13.11 -26.12 -23.19
N THR C 54 -12.06 -26.11 -22.38
CA THR C 54 -11.43 -27.33 -21.92
C THR C 54 -11.25 -27.30 -20.42
N ILE C 55 -11.61 -28.39 -19.74
CA ILE C 55 -11.47 -28.41 -18.30
C ILE C 55 -10.05 -28.79 -17.93
N VAL C 56 -9.45 -27.98 -17.06
CA VAL C 56 -8.06 -28.12 -16.65
C VAL C 56 -7.79 -29.56 -16.21
N GLY C 57 -6.73 -30.16 -16.76
CA GLY C 57 -6.48 -31.58 -16.58
C GLY C 57 -6.32 -32.04 -15.14
N ASP C 58 -5.62 -31.25 -14.34
CA ASP C 58 -5.36 -31.68 -12.96
C ASP C 58 -6.35 -31.11 -11.94
N GLY C 59 -7.36 -30.40 -12.43
CA GLY C 59 -8.43 -29.85 -11.60
C GLY C 59 -8.04 -28.76 -10.61
N LYS C 60 -6.92 -28.10 -10.87
CA LYS C 60 -6.36 -27.12 -9.94
C LYS C 60 -6.31 -25.69 -10.50
N TYR C 61 -6.25 -24.71 -9.62
CA TYR C 61 -6.18 -23.32 -10.03
C TYR C 61 -4.76 -22.96 -10.47
N GLY C 62 -3.79 -23.18 -9.59
CA GLY C 62 -2.41 -23.01 -10.00
C GLY C 62 -1.49 -22.57 -8.88
N ALA C 63 -0.46 -23.37 -8.65
CA ALA C 63 0.57 -23.03 -7.69
C ALA C 63 1.91 -23.58 -8.20
N ARG C 64 3.01 -23.03 -7.69
CA ARG C 64 4.33 -23.44 -8.15
C ARG C 64 4.94 -24.41 -7.14
N ASP C 65 5.36 -25.57 -7.61
CA ASP C 65 6.04 -26.56 -6.77
C ASP C 65 7.32 -25.93 -6.24
N ALA C 66 7.48 -25.89 -4.93
CA ALA C 66 8.61 -25.18 -4.33
C ALA C 66 9.95 -25.83 -4.66
N ASP C 67 9.93 -27.10 -5.04
CA ASP C 67 11.15 -27.83 -5.37
C ASP C 67 11.51 -27.79 -6.85
N THR C 68 10.57 -28.17 -7.71
CA THR C 68 10.82 -28.21 -9.15
C THR C 68 10.55 -26.86 -9.83
N LYS C 69 9.85 -25.97 -9.13
CA LYS C 69 9.42 -24.68 -9.69
C LYS C 69 8.47 -24.81 -10.87
N ILE C 70 7.82 -25.97 -10.98
CA ILE C 70 6.85 -26.20 -12.05
C ILE C 70 5.45 -25.77 -11.62
N TRP C 71 4.78 -25.01 -12.48
CA TRP C 71 3.40 -24.59 -12.24
C TRP C 71 2.38 -25.65 -12.57
N ASN C 72 1.39 -25.83 -11.71
CA ASN C 72 0.28 -26.70 -12.05
C ASN C 72 -0.98 -25.91 -12.33
N GLY C 73 -2.09 -26.63 -12.49
CA GLY C 73 -3.39 -25.98 -12.66
C GLY C 73 -3.53 -25.17 -13.93
N MET C 74 -4.51 -24.27 -13.93
CA MET C 74 -4.76 -23.43 -15.10
C MET C 74 -3.56 -22.54 -15.39
N VAL C 75 -2.90 -22.06 -14.34
CA VAL C 75 -1.73 -21.22 -14.53
C VAL C 75 -0.67 -21.98 -15.31
N GLY C 76 -0.40 -23.22 -14.91
CA GLY C 76 0.51 -24.07 -15.67
C GLY C 76 0.12 -24.26 -17.12
N GLU C 77 -1.16 -24.49 -17.39
CA GLU C 77 -1.61 -24.66 -18.77
C GLU C 77 -1.27 -23.43 -19.62
N LEU C 78 -1.38 -22.24 -19.04
CA LEU C 78 -0.99 -21.02 -19.76
C LEU C 78 0.53 -20.89 -19.91
N VAL C 79 1.25 -21.10 -18.82
CA VAL C 79 2.69 -20.94 -18.79
C VAL C 79 3.39 -21.88 -19.78
N TYR C 80 2.88 -23.11 -19.91
CA TYR C 80 3.57 -24.11 -20.73
C TYR C 80 2.95 -24.27 -22.12
N GLY C 81 2.01 -23.39 -22.46
CA GLY C 81 1.50 -23.33 -23.82
C GLY C 81 0.40 -24.30 -24.18
N LYS C 82 -0.30 -24.83 -23.17
CA LYS C 82 -1.34 -25.81 -23.38
C LYS C 82 -2.69 -25.16 -23.65
N ALA C 83 -2.82 -23.89 -23.24
CA ALA C 83 -4.07 -23.15 -23.42
C ALA C 83 -3.74 -21.72 -23.79
N ASP C 84 -4.67 -21.05 -24.46
CA ASP C 84 -4.47 -19.68 -24.91
C ASP C 84 -5.00 -18.64 -23.94
N ILE C 85 -5.93 -19.05 -23.08
CA ILE C 85 -6.61 -18.11 -22.20
C ILE C 85 -7.28 -18.90 -21.09
N ALA C 86 -7.34 -18.32 -19.89
CA ALA C 86 -8.11 -18.94 -18.81
C ALA C 86 -9.27 -18.05 -18.47
N ILE C 87 -10.47 -18.61 -18.55
CA ILE C 87 -11.67 -17.89 -18.15
C ILE C 87 -12.35 -18.68 -17.03
N ALA C 88 -12.11 -18.22 -15.80
CA ALA C 88 -12.37 -18.98 -14.58
C ALA C 88 -12.33 -18.03 -13.38
N PRO C 89 -12.83 -18.48 -12.21
CA PRO C 89 -12.65 -17.69 -10.99
C PRO C 89 -11.20 -17.79 -10.51
N LEU C 90 -10.31 -17.22 -11.34
CA LEU C 90 -8.87 -17.28 -11.12
C LEU C 90 -8.41 -15.97 -10.49
N THR C 91 -7.88 -16.07 -9.28
CA THR C 91 -7.57 -14.88 -8.48
C THR C 91 -6.31 -14.18 -8.96
N ILE C 92 -6.40 -12.86 -9.10
CA ILE C 92 -5.27 -12.03 -9.46
C ILE C 92 -4.31 -11.96 -8.27
N THR C 93 -3.08 -12.45 -8.46
CA THR C 93 -2.09 -12.42 -7.38
C THR C 93 -0.74 -11.97 -7.92
N LEU C 94 0.11 -11.49 -7.03
CA LEU C 94 1.44 -11.04 -7.40
C LEU C 94 2.26 -12.16 -8.05
N VAL C 95 2.35 -13.33 -7.41
CA VAL C 95 3.19 -14.38 -7.98
C VAL C 95 2.69 -14.85 -9.32
N ARG C 96 1.37 -14.78 -9.55
CA ARG C 96 0.85 -15.17 -10.84
C ARG C 96 1.07 -14.09 -11.90
N GLU C 97 0.86 -12.83 -11.51
CA GLU C 97 1.03 -11.69 -12.40
CA GLU C 97 1.00 -11.75 -12.47
C GLU C 97 2.47 -11.63 -12.92
N GLU C 98 3.39 -12.22 -12.17
CA GLU C 98 4.79 -12.25 -12.59
C GLU C 98 5.01 -13.20 -13.78
N VAL C 99 4.11 -14.16 -14.00
CA VAL C 99 4.32 -15.14 -15.06
C VAL C 99 3.21 -15.22 -16.11
N ILE C 100 2.03 -14.68 -15.81
CA ILE C 100 0.96 -14.59 -16.80
C ILE C 100 0.36 -13.19 -16.74
N ASP C 101 -0.45 -12.84 -17.74
CA ASP C 101 -1.15 -11.55 -17.74
C ASP C 101 -2.57 -11.73 -17.25
N PHE C 102 -3.08 -10.75 -16.52
CA PHE C 102 -4.50 -10.70 -16.13
C PHE C 102 -5.21 -9.48 -16.67
N SER C 103 -6.45 -9.66 -17.09
CA SER C 103 -7.32 -8.53 -17.38
C SER C 103 -7.64 -7.74 -16.11
N LYS C 104 -8.20 -6.55 -16.25
CA LYS C 104 -8.83 -5.91 -15.09
C LYS C 104 -9.86 -6.90 -14.53
N PRO C 105 -10.13 -6.81 -13.22
CA PRO C 105 -11.00 -7.82 -12.61
C PRO C 105 -12.44 -7.80 -13.10
N PHE C 106 -13.04 -8.99 -13.23
CA PHE C 106 -14.44 -9.06 -13.66
C PHE C 106 -15.37 -9.32 -12.47
N MET C 107 -14.81 -9.64 -11.32
CA MET C 107 -15.60 -9.89 -10.12
C MET C 107 -14.74 -9.73 -8.89
N SER C 108 -15.31 -9.14 -7.84
CA SER C 108 -14.57 -8.97 -6.59
C SER C 108 -14.83 -10.13 -5.64
N LEU C 109 -13.85 -10.42 -4.79
CA LEU C 109 -14.04 -11.39 -3.73
C LEU C 109 -13.07 -11.11 -2.59
N GLY C 110 -13.32 -11.77 -1.46
CA GLY C 110 -12.33 -11.81 -0.38
C GLY C 110 -12.42 -13.17 0.27
N ILE C 111 -11.33 -13.60 0.90
CA ILE C 111 -11.38 -14.83 1.70
C ILE C 111 -12.39 -14.68 2.84
N SER C 112 -13.10 -15.77 3.11
CA SER C 112 -14.21 -15.75 4.06
C SER C 112 -14.32 -17.08 4.78
N ILE C 113 -15.14 -17.10 5.83
CA ILE C 113 -15.32 -18.30 6.64
C ILE C 113 -16.67 -18.92 6.40
N MET C 114 -16.68 -20.21 6.07
CA MET C 114 -17.91 -20.99 5.98
C MET C 114 -18.05 -21.87 7.20
N ILE C 115 -19.19 -21.77 7.87
CA ILE C 115 -19.50 -22.63 8.99
C ILE C 115 -20.79 -23.40 8.76
N LYS C 116 -20.93 -24.51 9.48
CA LYS C 116 -22.23 -25.17 9.58
C LYS C 116 -23.09 -24.27 10.47
N LYS C 117 -24.34 -24.07 10.11
CA LYS C 117 -25.21 -23.19 10.90
C LYS C 117 -25.18 -23.58 12.37
N GLY C 118 -24.97 -22.59 13.23
CA GLY C 118 -24.93 -22.82 14.67
C GLY C 118 -23.55 -22.94 15.29
N THR C 119 -22.53 -23.06 14.46
CA THR C 119 -21.14 -23.12 14.93
C THR C 119 -20.75 -21.83 15.67
N PRO C 120 -20.18 -21.97 16.88
CA PRO C 120 -19.82 -20.81 17.71
C PRO C 120 -18.58 -20.09 17.21
N ILE C 121 -18.60 -19.61 15.97
CA ILE C 121 -17.49 -18.88 15.39
C ILE C 121 -18.05 -17.64 14.70
N GLU C 122 -17.44 -16.48 14.94
CA GLU C 122 -17.91 -15.24 14.32
C GLU C 122 -16.82 -14.54 13.53
N SER C 123 -15.59 -15.05 13.59
CA SER C 123 -14.46 -14.35 13.01
C SER C 123 -13.23 -15.24 12.87
N ALA C 124 -12.26 -14.78 12.08
CA ALA C 124 -10.97 -15.45 11.98
C ALA C 124 -10.26 -15.46 13.34
N GLU C 125 -10.32 -14.34 14.05
CA GLU C 125 -9.75 -14.27 15.39
C GLU C 125 -10.33 -15.36 16.29
N ASP C 126 -11.64 -15.59 16.19
CA ASP C 126 -12.28 -16.67 16.94
C ASP C 126 -11.65 -18.03 16.63
N LEU C 127 -11.52 -18.36 15.34
CA LEU C 127 -10.92 -19.62 14.93
C LEU C 127 -9.52 -19.82 15.50
N SER C 128 -8.72 -18.77 15.46
CA SER C 128 -7.32 -18.85 15.87
C SER C 128 -7.17 -19.15 17.35
N LYS C 129 -8.14 -18.73 18.15
CA LYS C 129 -8.05 -18.85 19.61
C LYS C 129 -8.68 -20.12 20.17
N GLN C 130 -8.84 -21.15 19.33
CA GLN C 130 -9.47 -22.38 19.77
C GLN C 130 -8.99 -23.59 18.97
N THR C 131 -9.32 -24.79 19.45
CA THR C 131 -8.82 -26.02 18.83
C THR C 131 -9.92 -27.05 18.57
N GLU C 132 -11.09 -26.85 19.17
CA GLU C 132 -12.18 -27.80 19.04
C GLU C 132 -12.69 -27.87 17.61
N ILE C 133 -12.69 -26.72 16.95
CA ILE C 133 -13.14 -26.64 15.57
C ILE C 133 -11.94 -26.52 14.65
N ALA C 134 -11.74 -27.54 13.82
CA ALA C 134 -10.65 -27.54 12.85
C ALA C 134 -11.03 -26.66 11.67
N TYR C 135 -10.03 -26.15 10.97
CA TYR C 135 -10.31 -25.31 9.80
C TYR C 135 -9.20 -25.42 8.77
N GLY C 136 -9.58 -25.36 7.49
CA GLY C 136 -8.61 -25.47 6.41
C GLY C 136 -9.01 -24.72 5.16
N THR C 137 -8.23 -24.92 4.10
CA THR C 137 -8.42 -24.22 2.82
C THR C 137 -8.28 -25.19 1.65
N LEU C 138 -8.54 -24.67 0.46
CA LEU C 138 -8.31 -25.40 -0.80
C LEU C 138 -6.81 -25.53 -1.05
N ASP C 139 -6.39 -26.66 -1.61
CA ASP C 139 -5.00 -26.82 -2.04
C ASP C 139 -4.72 -26.18 -3.40
N SER C 140 -3.48 -25.75 -3.61
CA SER C 140 -3.03 -25.22 -4.90
C SER C 140 -3.79 -23.99 -5.38
N GLY C 141 -4.22 -23.16 -4.42
CA GLY C 141 -4.97 -21.97 -4.74
C GLY C 141 -4.48 -20.76 -3.98
N SER C 142 -5.10 -19.61 -4.23
CA SER C 142 -4.64 -18.35 -3.67
C SER C 142 -4.95 -18.19 -2.18
N THR C 143 -5.98 -18.88 -1.70
CA THR C 143 -6.32 -18.79 -0.28
C THR C 143 -5.23 -19.45 0.56
N LYS C 144 -4.78 -20.63 0.14
CA LYS C 144 -3.72 -21.30 0.90
C LYS C 144 -2.47 -20.45 0.93
N GLU C 145 -2.12 -19.88 -0.21
CA GLU C 145 -0.93 -19.05 -0.32
C GLU C 145 -1.07 -17.80 0.55
N PHE C 146 -2.28 -17.26 0.64
CA PHE C 146 -2.54 -16.11 1.52
C PHE C 146 -2.10 -16.38 2.96
N PHE C 147 -2.49 -17.53 3.49
CA PHE C 147 -2.16 -17.83 4.88
C PHE C 147 -0.68 -18.19 5.02
N ARG C 148 -0.12 -18.86 4.02
CA ARG C 148 1.30 -19.21 4.05
C ARG C 148 2.18 -17.96 4.11
N ARG C 149 1.76 -16.92 3.38
CA ARG C 149 2.58 -15.72 3.23
C ARG C 149 2.13 -14.54 4.09
N SER C 150 1.28 -14.79 5.08
CA SER C 150 0.70 -13.72 5.88
C SER C 150 1.54 -13.34 7.10
N LYS C 151 1.94 -12.07 7.17
CA LYS C 151 2.67 -11.55 8.32
C LYS C 151 1.72 -11.06 9.40
N ILE C 152 0.43 -11.02 9.09
CA ILE C 152 -0.58 -10.56 10.03
C ILE C 152 -0.78 -11.57 11.13
N ALA C 153 -0.79 -11.09 12.37
CA ALA C 153 -0.77 -11.93 13.57
C ALA C 153 -1.77 -13.09 13.61
N VAL C 154 -3.05 -12.76 13.50
CA VAL C 154 -4.11 -13.78 13.56
C VAL C 154 -3.93 -14.80 12.43
N PHE C 155 -3.65 -14.32 11.23
CA PHE C 155 -3.54 -15.21 10.08
C PHE C 155 -2.28 -16.06 10.15
N ASP C 156 -1.18 -15.47 10.60
CA ASP C 156 0.08 -16.20 10.79
C ASP C 156 -0.13 -17.35 11.76
N LYS C 157 -0.80 -17.07 12.86
CA LYS C 157 -1.15 -18.07 13.84
C LYS C 157 -2.02 -19.16 13.22
N MET C 158 -2.91 -18.77 12.31
CA MET C 158 -3.81 -19.73 11.67
C MET C 158 -3.04 -20.68 10.76
N TRP C 159 -2.09 -20.15 10.03
CA TRP C 159 -1.27 -20.95 9.12
C TRP C 159 -0.42 -21.97 9.88
N THR C 160 0.14 -21.55 11.00
CA THR C 160 0.94 -22.44 11.82
C THR C 160 0.12 -23.65 12.25
N TYR C 161 -1.12 -23.39 12.64
CA TYR C 161 -2.01 -24.49 13.00
C TYR C 161 -2.33 -25.37 11.80
N MET C 162 -2.71 -24.76 10.68
CA MET C 162 -3.17 -25.52 9.51
C MET C 162 -2.06 -26.33 8.86
N ARG C 163 -0.89 -25.72 8.72
CA ARG C 163 0.22 -26.38 8.04
C ARG C 163 0.68 -27.64 8.77
N SER C 164 0.41 -27.70 10.08
CA SER C 164 0.87 -28.80 10.91
C SER C 164 -0.28 -29.68 11.36
N ALA C 165 -1.49 -29.28 11.00
CA ALA C 165 -2.70 -30.01 11.38
C ALA C 165 -2.66 -31.45 10.88
N GLU C 166 -3.09 -32.36 11.74
CA GLU C 166 -3.12 -33.78 11.41
C GLU C 166 -4.31 -34.44 12.09
N PRO C 167 -5.25 -35.02 11.32
CA PRO C 167 -5.29 -35.20 9.87
C PRO C 167 -5.41 -33.89 9.10
N SER C 168 -4.97 -33.90 7.84
CA SER C 168 -4.92 -32.71 7.01
C SER C 168 -6.24 -31.96 6.96
N VAL C 169 -6.16 -30.63 7.06
CA VAL C 169 -7.34 -29.79 6.99
C VAL C 169 -7.52 -29.22 5.58
N PHE C 170 -6.59 -29.52 4.68
CA PHE C 170 -6.69 -29.03 3.32
C PHE C 170 -7.47 -29.98 2.44
N VAL C 171 -8.13 -29.43 1.42
CA VAL C 171 -8.98 -30.20 0.53
C VAL C 171 -8.61 -30.02 -0.95
N ARG C 172 -8.97 -30.99 -1.79
CA ARG C 172 -8.57 -30.95 -3.19
C ARG C 172 -9.50 -30.10 -4.06
N THR C 173 -10.76 -29.99 -3.62
CA THR C 173 -11.77 -29.23 -4.35
C THR C 173 -12.65 -28.50 -3.35
N THR C 174 -13.21 -27.39 -3.80
CA THR C 174 -14.20 -26.67 -3.03
C THR C 174 -15.33 -27.57 -2.57
N ALA C 175 -15.83 -28.43 -3.48
CA ALA C 175 -16.88 -29.38 -3.13
C ALA C 175 -16.50 -30.25 -1.93
N GLU C 176 -15.25 -30.69 -1.88
CA GLU C 176 -14.77 -31.50 -0.77
C GLU C 176 -14.75 -30.70 0.55
N GLY C 177 -14.34 -29.45 0.47
CA GLY C 177 -14.38 -28.57 1.63
C GLY C 177 -15.79 -28.38 2.17
N VAL C 178 -16.73 -28.11 1.27
CA VAL C 178 -18.12 -27.87 1.66
C VAL C 178 -18.74 -29.12 2.28
N ALA C 179 -18.48 -30.26 1.65
CA ALA C 179 -19.02 -31.51 2.17
C ALA C 179 -18.46 -31.80 3.55
N ARG C 180 -17.18 -31.43 3.75
CA ARG C 180 -16.54 -31.63 5.04
C ARG C 180 -17.18 -30.77 6.13
N VAL C 181 -17.49 -29.53 5.80
CA VAL C 181 -18.25 -28.68 6.71
C VAL C 181 -19.58 -29.35 7.05
N ARG C 182 -20.30 -29.79 6.04
CA ARG C 182 -21.67 -30.27 6.22
C ARG C 182 -21.74 -31.53 7.06
N LYS C 183 -20.70 -32.36 7.03
CA LYS C 183 -20.76 -33.65 7.74
C LYS C 183 -19.96 -33.66 9.05
N SER C 184 -19.34 -32.55 9.41
CA SER C 184 -18.49 -32.55 10.60
C SER C 184 -19.20 -32.01 11.84
N LYS C 185 -20.51 -31.85 11.74
CA LYS C 185 -21.35 -31.47 12.87
C LYS C 185 -20.84 -30.22 13.58
N GLY C 186 -20.29 -29.30 12.81
CA GLY C 186 -19.83 -28.03 13.34
C GLY C 186 -18.39 -28.01 13.79
N LYS C 187 -17.68 -29.12 13.62
CA LYS C 187 -16.30 -29.19 14.09
C LYS C 187 -15.28 -28.92 12.99
N TYR C 188 -15.76 -28.52 11.80
CA TYR C 188 -14.88 -28.07 10.72
C TYR C 188 -15.44 -26.80 10.10
N ALA C 189 -14.58 -25.79 9.99
CA ALA C 189 -14.92 -24.56 9.27
C ALA C 189 -14.03 -24.45 8.05
N TYR C 190 -14.57 -23.92 6.97
CA TYR C 190 -13.83 -23.89 5.72
C TYR C 190 -13.55 -22.45 5.30
N LEU C 191 -12.30 -22.18 4.96
CA LEU C 191 -11.89 -20.88 4.47
C LEU C 191 -11.89 -20.88 2.95
N LEU C 192 -12.75 -20.06 2.37
CA LEU C 192 -12.93 -20.04 0.93
C LEU C 192 -13.38 -18.66 0.48
N GLU C 193 -13.34 -18.42 -0.82
CA GLU C 193 -13.64 -17.08 -1.32
C GLU C 193 -15.13 -16.77 -1.17
N SER C 194 -15.39 -15.51 -0.83
CA SER C 194 -16.75 -15.04 -0.50
C SER C 194 -17.77 -15.35 -1.58
N THR C 195 -17.36 -15.24 -2.84
CA THR C 195 -18.20 -15.61 -3.99
C THR C 195 -18.74 -17.04 -3.89
N MET C 196 -17.84 -17.98 -3.66
CA MET C 196 -18.27 -19.37 -3.57
CA MET C 196 -18.22 -19.39 -3.54
C MET C 196 -19.07 -19.60 -2.30
N ASN C 197 -18.64 -18.97 -1.21
CA ASN C 197 -19.34 -19.08 0.07
C ASN C 197 -20.78 -18.58 -0.05
N GLU C 198 -20.95 -17.41 -0.66
CA GLU C 198 -22.27 -16.81 -0.80
C GLU C 198 -23.16 -17.63 -1.73
N TYR C 199 -22.56 -18.29 -2.72
CA TYR C 199 -23.34 -19.13 -3.61
C TYR C 199 -23.90 -20.35 -2.87
N ILE C 200 -23.03 -21.02 -2.12
CA ILE C 200 -23.41 -22.27 -1.47
CA ILE C 200 -23.36 -22.26 -1.42
C ILE C 200 -24.40 -21.98 -0.33
N GLU C 201 -24.30 -20.81 0.27
CA GLU C 201 -25.25 -20.43 1.31
CA GLU C 201 -25.24 -20.34 1.28
C GLU C 201 -26.67 -20.32 0.75
N GLN C 202 -26.80 -20.10 -0.55
CA GLN C 202 -28.11 -20.00 -1.21
C GLN C 202 -28.57 -21.29 -1.87
N ARG C 203 -27.90 -22.40 -1.58
CA ARG C 203 -28.27 -23.68 -2.17
C ARG C 203 -28.69 -24.69 -1.11
N LYS C 204 -29.65 -25.55 -1.45
CA LYS C 204 -30.04 -26.64 -0.57
C LYS C 204 -28.83 -27.52 -0.28
N PRO C 205 -28.76 -28.08 0.94
CA PRO C 205 -29.79 -28.09 1.99
C PRO C 205 -29.76 -26.89 2.94
N CYS C 206 -29.18 -25.77 2.49
CA CYS C 206 -29.23 -24.53 3.26
C CYS C 206 -28.73 -24.67 4.69
N ASP C 207 -27.63 -25.42 4.88
CA ASP C 207 -27.15 -25.66 6.23
C ASP C 207 -25.80 -24.97 6.51
N THR C 208 -25.31 -24.18 5.55
CA THR C 208 -24.06 -23.47 5.76
C THR C 208 -24.29 -21.97 5.76
N MET C 209 -23.28 -21.25 6.23
CA MET C 209 -23.40 -19.82 6.40
C MET C 209 -22.05 -19.14 6.30
N LYS C 210 -22.03 -17.99 5.64
CA LYS C 210 -20.85 -17.11 5.68
C LYS C 210 -20.89 -16.29 6.96
N VAL C 211 -19.80 -16.29 7.73
CA VAL C 211 -19.76 -15.47 8.94
C VAL C 211 -18.56 -14.54 8.98
N GLY C 212 -18.78 -13.36 9.54
CA GLY C 212 -17.72 -12.39 9.68
C GLY C 212 -17.48 -11.66 8.38
N GLY C 213 -16.54 -10.72 8.42
CA GLY C 213 -16.20 -9.98 7.23
C GLY C 213 -15.20 -10.77 6.41
N ASN C 214 -14.93 -10.30 5.20
CA ASN C 214 -13.86 -10.88 4.41
C ASN C 214 -12.49 -10.54 4.98
N LEU C 215 -11.53 -11.45 4.77
CA LEU C 215 -10.19 -11.32 5.34
C LEU C 215 -9.30 -10.47 4.43
N ASP C 216 -9.66 -10.40 3.16
CA ASP C 216 -8.94 -9.54 2.23
C ASP C 216 -9.86 -9.07 1.13
N SER C 217 -9.30 -8.30 0.20
CA SER C 217 -10.07 -7.73 -0.89
CA SER C 217 -10.08 -7.73 -0.88
C SER C 217 -9.30 -7.84 -2.19
N LYS C 218 -9.86 -8.57 -3.15
CA LYS C 218 -9.18 -8.76 -4.41
C LYS C 218 -10.19 -9.12 -5.51
N GLY C 219 -9.72 -9.76 -6.57
CA GLY C 219 -10.57 -10.01 -7.72
C GLY C 219 -10.09 -11.13 -8.61
N TYR C 220 -11.01 -11.62 -9.45
CA TYR C 220 -10.70 -12.58 -10.49
C TYR C 220 -10.42 -11.85 -11.78
N GLY C 221 -9.46 -12.32 -12.56
CA GLY C 221 -9.23 -11.75 -13.87
C GLY C 221 -9.14 -12.85 -14.92
N ILE C 222 -9.36 -12.47 -16.18
CA ILE C 222 -9.14 -13.38 -17.30
C ILE C 222 -7.64 -13.40 -17.60
N ALA C 223 -7.06 -14.59 -17.66
CA ALA C 223 -5.61 -14.67 -17.76
C ALA C 223 -5.16 -15.13 -19.14
N THR C 224 -4.03 -14.60 -19.58
CA THR C 224 -3.42 -14.97 -20.86
C THR C 224 -1.93 -15.17 -20.66
N PRO C 225 -1.28 -15.96 -21.54
CA PRO C 225 0.17 -16.11 -21.42
C PRO C 225 0.85 -14.75 -21.59
N LYS C 226 1.97 -14.56 -20.90
CA LYS C 226 2.74 -13.32 -20.95
C LYS C 226 2.97 -12.85 -22.39
N GLY C 227 2.57 -11.62 -22.67
CA GLY C 227 2.78 -11.04 -23.99
C GLY C 227 1.83 -11.48 -25.09
N SER C 228 0.81 -12.27 -24.74
CA SER C 228 -0.18 -12.73 -25.72
C SER C 228 -0.88 -11.58 -26.47
N SER C 229 -1.17 -11.81 -27.75
CA SER C 229 -1.86 -10.82 -28.58
C SER C 229 -3.30 -10.59 -28.13
N LEU C 230 -3.88 -11.60 -27.46
CA LEU C 230 -5.28 -11.53 -27.01
C LEU C 230 -5.47 -10.62 -25.80
N GLY C 231 -4.41 -10.43 -25.03
CA GLY C 231 -4.50 -9.74 -23.76
C GLY C 231 -5.14 -8.36 -23.82
N ASN C 232 -4.72 -7.56 -24.79
CA ASN C 232 -5.25 -6.20 -24.90
C ASN C 232 -6.76 -6.19 -25.14
N ALA C 233 -7.22 -6.91 -26.15
CA ALA C 233 -8.63 -6.90 -26.49
C ALA C 233 -9.47 -7.45 -25.35
N VAL C 234 -8.95 -8.48 -24.69
CA VAL C 234 -9.67 -9.12 -23.60
C VAL C 234 -9.86 -8.13 -22.46
N ASN C 235 -8.79 -7.40 -22.15
CA ASN C 235 -8.85 -6.40 -21.10
C ASN C 235 -9.95 -5.35 -21.38
N LEU C 236 -9.93 -4.79 -22.59
CA LEU C 236 -10.93 -3.79 -22.97
C LEU C 236 -12.34 -4.38 -22.97
N ALA C 237 -12.47 -5.64 -23.37
CA ALA C 237 -13.77 -6.31 -23.38
C ALA C 237 -14.34 -6.46 -21.96
N VAL C 238 -13.48 -6.82 -21.00
CA VAL C 238 -13.93 -6.89 -19.63
C VAL C 238 -14.46 -5.54 -19.17
N LEU C 239 -13.70 -4.47 -19.43
CA LEU C 239 -14.17 -3.13 -19.05
C LEU C 239 -15.48 -2.75 -19.75
N LYS C 240 -15.63 -3.11 -21.02
CA LYS C 240 -16.88 -2.83 -21.74
C LYS C 240 -18.04 -3.57 -21.10
N LEU C 241 -17.85 -4.86 -20.83
CA LEU C 241 -18.90 -5.66 -20.19
C LEU C 241 -19.23 -5.14 -18.79
N SER C 242 -18.22 -4.68 -18.07
CA SER C 242 -18.46 -4.08 -16.78
C SER C 242 -19.36 -2.85 -16.92
N GLU C 243 -18.99 -1.96 -17.82
CA GLU C 243 -19.67 -0.68 -17.94
C GLU C 243 -21.07 -0.84 -18.51
N GLN C 244 -21.30 -1.90 -19.28
CA GLN C 244 -22.64 -2.20 -19.81
C GLN C 244 -23.61 -2.73 -18.76
N GLY C 245 -23.08 -3.25 -17.66
CA GLY C 245 -23.91 -3.85 -16.63
C GLY C 245 -24.05 -5.35 -16.81
N LEU C 246 -23.37 -5.90 -17.80
CA LEU C 246 -23.45 -7.32 -18.11
C LEU C 246 -22.92 -8.18 -16.98
N LEU C 247 -21.80 -7.77 -16.38
CA LEU C 247 -21.22 -8.56 -15.31
C LEU C 247 -22.17 -8.62 -14.11
N ASP C 248 -22.89 -7.52 -13.87
CA ASP C 248 -23.88 -7.47 -12.80
C ASP C 248 -25.04 -8.40 -13.13
N LYS C 249 -25.44 -8.40 -14.39
CA LYS C 249 -26.53 -9.25 -14.84
C LYS C 249 -26.19 -10.73 -14.63
N LEU C 250 -24.97 -11.10 -15.03
CA LEU C 250 -24.53 -12.49 -14.89
C LEU C 250 -24.42 -12.89 -13.42
N LYS C 251 -23.97 -11.98 -12.56
CA LYS C 251 -23.87 -12.29 -11.14
C LYS C 251 -25.27 -12.61 -10.59
N ASN C 252 -26.23 -11.76 -10.90
CA ASN C 252 -27.59 -11.98 -10.42
C ASN C 252 -28.17 -13.27 -11.00
N LYS C 253 -27.91 -13.54 -12.27
CA LYS C 253 -28.42 -14.75 -12.92
C LYS C 253 -27.95 -16.02 -12.20
N TRP C 254 -26.67 -16.08 -11.85
CA TRP C 254 -26.10 -17.33 -11.37
C TRP C 254 -26.05 -17.46 -9.85
N TRP C 255 -26.18 -16.35 -9.13
CA TRP C 255 -26.16 -16.42 -7.67
C TRP C 255 -27.53 -16.40 -7.02
N TYR C 256 -28.32 -15.38 -7.35
CA TYR C 256 -29.48 -15.07 -6.53
C TYR C 256 -30.81 -15.38 -7.21
N ASP C 257 -30.83 -15.30 -8.54
CA ASP C 257 -31.99 -15.79 -9.29
C ASP C 257 -32.06 -17.31 -9.14
N LYS C 258 -30.90 -17.95 -9.00
CA LYS C 258 -30.84 -19.37 -8.74
C LYS C 258 -30.54 -19.65 -7.26
N GLY C 259 -31.29 -18.99 -6.39
CA GLY C 259 -31.19 -19.22 -4.96
C GLY C 259 -32.39 -20.05 -4.49
N GLU C 260 -32.16 -20.93 -3.52
CA GLU C 260 -33.23 -21.82 -3.08
C GLU C 260 -33.35 -21.95 -1.57
N CYS C 261 -32.87 -20.94 -0.85
CA CYS C 261 -32.96 -20.93 0.60
C CYS C 261 -33.81 -19.76 1.11
N GLU D . -13.11 9.15 -9.49
CA GLU D . -13.88 9.87 -10.52
C GLU D . -13.10 9.93 -11.82
O GLU D . -13.53 10.60 -12.76
CB GLU D . -14.23 11.28 -10.05
CG GLU D . -15.37 11.31 -9.04
CD GLU D . -16.74 11.11 -9.68
OE1 GLU D . -16.85 11.22 -10.92
OE2 GLU D . -17.72 10.88 -8.93
OXT GLU D . -12.02 9.34 -11.91
C4 5YC E . -11.66 -3.90 -7.96
C4 5YC E . -11.63 -5.52 -7.95
C14 5YC E . -9.26 -6.66 -7.71
C14 5YC E . -12.05 -2.68 -10.26
C5 5YC E . -12.31 -3.54 -9.15
C5 5YC E . -10.43 -5.86 -7.33
C6 5YC E . -13.60 -5.47 -9.00
C6 5YC E . -10.64 -4.01 -5.93
C11 5YC E . -6.63 -5.91 -7.31
C11 5YC E . -12.49 -3.44 -12.89
C7 5YC E . -14.88 -5.01 -11.11
C7 5YC E . -8.52 -4.44 -4.70
C8 5YC E . -15.79 -4.96 -12.31
C8 5YC E . -7.29 -4.48 -3.82
C9 5YC E . -8.95 -5.78 -6.68
C9 5YC E . -13.04 -3.61 -10.55
C10 5YC E . -7.62 -5.42 -6.48
C10 5YC E . -13.26 -3.99 -11.87
C12 5YC E . -6.95 -6.79 -8.34
C12 5YC E . -11.50 -2.52 -12.60
C13 5YC E . -8.26 -7.16 -8.53
C13 5YC E . -11.29 -2.14 -11.28
N1 5YC E . -13.28 -4.34 -9.65
N1 5YC E . -9.94 -5.09 -6.33
N2 5YC E . -12.98 -5.81 -7.88
N2 5YC E . -11.79 -3.70 -6.51
C3 5YC E . -12.02 -5.08 -7.34
C3 5YC E . -12.31 -4.40 -7.52
N3 5YC E . -14.02 -4.12 -10.81
N3 5YC E . -8.77 -5.28 -5.60
O 5YC E . -12.02 -2.51 -9.75
O 5YC E . -9.78 -6.84 -7.69
S 5YC E . -14.88 -6.28 -9.89
S 5YC E . -9.79 -3.22 -4.61
C2 5YC E . -11.38 -5.57 -6.05
C2 5YC E . -13.62 -3.94 -8.11
N 5YC E . -9.96 -5.27 -5.84
N 5YC E . -13.84 -4.17 -9.54
C1 5YC E . -9.59 -4.48 -4.68
C1 5YC E . -14.97 -5.00 -9.97
C 5YC E . -9.74 -2.99 -5.01
C 5YC E . -15.12 -6.19 -9.04
ZN ZN F . 6.29 -0.80 1.80
ZN ZN G . -3.60 26.71 3.08
AS CAC H . 9.41 -1.30 2.82
O1 CAC H . 10.56 -0.37 3.77
O2 CAC H . 7.95 -0.36 2.70
C1 CAC H . 10.11 -1.58 1.00
C2 CAC H . 9.03 -3.02 3.64
N GLU I . 25.03 7.14 13.55
CA GLU I . 24.37 6.30 12.55
C GLU I . 25.28 6.08 11.35
O GLU I . 24.85 5.44 10.39
CB GLU I . 23.05 6.93 12.08
CG GLU I . 21.91 6.78 13.07
CD GLU I . 21.36 5.36 13.15
OE1 GLU I . 21.58 4.55 12.21
OE2 GLU I . 20.66 5.08 14.15
OXT GLU I . 26.44 6.52 11.35
C4 5YC J . 34.14 3.84 22.38
C4 5YC J . 35.27 3.10 23.46
C14 5YC J . 37.56 4.36 23.70
C14 5YC J . 33.86 2.56 20.07
C5 5YC J . 33.82 2.78 21.50
C5 5YC J . 36.16 4.15 23.76
C6 5YC J . 34.10 1.29 23.26
C6 5YC J . 34.42 5.66 23.45
C11 5YC J . 38.85 6.57 22.65
C11 5YC J . 34.93 0.35 18.78
C7 5YC J . 33.55 -0.74 21.88
C7 5YC J . 35.82 7.68 23.96
C8 5YC J . 33.26 -2.09 21.28
C8 5YC J . 36.44 9.03 24.22
C9 5YC J . 36.92 5.60 23.71
C9 5YC J . 33.88 1.33 20.71
C10 5YC J . 37.58 6.70 23.18
C10 5YC J . 34.41 0.23 20.06
C12 5YC J . 39.47 5.33 22.64
C12 5YC J . 34.91 1.59 18.14
C13 5YC J . 38.82 4.23 23.17
C13 5YC J . 34.38 2.69 18.80
N1 5YC J . 33.81 1.51 21.97
N1 5YC J . 35.71 5.44 23.75
N2 5YC J . 34.41 2.29 24.09
N2 5YC J . 33.58 4.67 23.17
C3 5YC J . 34.45 3.55 23.69
C3 5YC J . 33.96 3.40 23.15
N3 5YC J . 33.51 0.36 21.25
N3 5YC J . 36.45 6.57 24.02
O 5YC J . 33.56 2.99 20.33
O 5YC J . 37.33 3.93 24.02
S 5YC J . 34.00 -0.45 23.56
S 5YC J . 34.14 7.41 23.53
C2 5YC J . 34.80 4.62 24.70
C2 5YC J . 32.93 2.34 22.83
N 5YC J . 35.63 5.76 24.24
N 5YC J . 33.35 1.19 22.00
C1 5YC J . 35.13 7.12 24.36
C1 5YC J . 33.17 -0.18 22.50
C 5YC J . 33.62 7.15 24.21
C 5YC J . 33.22 -0.22 24.03
ZN ZN K . 24.93 34.32 14.82
ZN ZN L . 41.64 21.96 22.71
N GLU M . -9.80 -18.56 -6.89
CA GLU M . -8.69 -19.25 -6.21
C GLU M . -7.45 -19.26 -7.09
O GLU M . -7.43 -18.65 -8.15
CB GLU M . -9.10 -20.69 -5.85
CG GLU M . -10.05 -20.77 -4.66
CD GLU M . -9.33 -20.58 -3.33
OE1 GLU M . -10.03 -20.37 -2.32
OE2 GLU M . -8.08 -20.67 -3.30
OXT GLU M . -6.46 -19.88 -6.71
ZN ZN N . -22.00 -7.87 -25.19
ZN ZN O . 4.31 -18.25 10.33
#